data_3OB0
#
_entry.id   3OB0
#
_cell.length_a   44.740
_cell.length_b   131.155
_cell.length_c   169.534
_cell.angle_alpha   90.00
_cell.angle_beta   90.00
_cell.angle_gamma   90.00
#
_symmetry.space_group_name_H-M   'P 21 21 21'
#
loop_
_entity.id
_entity.type
_entity.pdbx_description
1 polymer 'Fab 2G12, light chain'
2 polymer 'Fab 2G12, heavy chain'
3 branched 7-deoxy-L-glycero-alpha-D-manno-heptopyranose-(1-2)-alpha-D-mannopyranose-(1-2)-alpha-D-mannopyranose-(1-3)-alpha-D-mannopyranose
4 water water
#
loop_
_entity_poly.entity_id
_entity_poly.type
_entity_poly.pdbx_seq_one_letter_code
_entity_poly.pdbx_strand_id
1 'polypeptide(L)'
;AVVMTQSPSTLSASVGDTITITCRASQSIETWLAWYQQKPGKAPKLLIYKASTLKTGVPSRFSGSGSGTEFTLTISGLQF
DDFATYHCQHYAGYSATFGQGTRVEIKRTVAAPSVFIFPPSDEQLKSGTASVVCLLNNFYPREAKVQWKVDNALQSGNSQ
ESVTEQDSKDSTYSLSSTLTLSKADYEKHKVYACEVTHQGLSSPVTKSFNRGE
;
L,K
2 'polypeptide(L)'
;EVQLVESGGGLVKAGGSLILSCGVSNFRISAHTMNWVRRVPGGGLEWVASISTSSTYRDYADAVKGRFTVSRDDLEDFVY
LQMHKMRVEDTAIYYCARKGSDRLSDNDPFDAWGPGTVVTVSPASTKGPSVFPLAPSSKSTSGGTAALGCLVKDYFPEPV
TVSWNSGALTSGVHTFPAVLQSSGLYSLSSVVTVPSSSLGTQTYICNVNHKPSNTKVDKKVEPK
;
H,M
#
# COMPACT_ATOMS: atom_id res chain seq x y z
N ALA A 1 2.45 34.45 -6.35
CA ALA A 1 1.45 34.69 -7.38
C ALA A 1 2.04 34.82 -8.81
N VAL A 2 3.29 34.36 -9.02
CA VAL A 2 3.98 34.35 -10.32
C VAL A 2 3.44 33.19 -11.16
N VAL A 3 2.92 33.49 -12.38
CA VAL A 3 2.37 32.47 -13.29
C VAL A 3 3.34 32.32 -14.44
N MET A 4 3.77 31.06 -14.72
CA MET A 4 4.71 30.71 -15.79
C MET A 4 4.00 30.03 -16.93
N THR A 5 4.14 30.58 -18.15
CA THR A 5 3.46 30.07 -19.34
C THR A 5 4.45 29.72 -20.46
N GLN A 6 4.65 28.42 -20.71
CA GLN A 6 5.52 27.94 -21.78
C GLN A 6 4.79 27.85 -23.13
N SER A 7 5.52 28.03 -24.24
CA SER A 7 4.94 27.98 -25.58
C SER A 7 5.98 27.57 -26.65
N PRO A 8 5.69 26.53 -27.47
CA PRO A 8 4.48 25.72 -27.50
C PRO A 8 4.50 24.57 -26.49
N SER A 9 3.35 23.91 -26.28
CA SER A 9 3.21 22.79 -25.37
C SER A 9 3.87 21.55 -26.01
N THR A 10 3.83 21.49 -27.35
CA THR A 10 4.45 20.46 -28.18
C THR A 10 5.12 21.14 -29.39
N LEU A 11 6.41 20.83 -29.60
CA LEU A 11 7.21 21.36 -30.68
C LEU A 11 7.68 20.21 -31.58
N SER A 12 7.12 20.17 -32.81
CA SER A 12 7.46 19.19 -33.84
C SER A 12 8.58 19.79 -34.65
N ALA A 13 9.71 19.08 -34.70
CA ALA A 13 10.88 19.55 -35.42
C ALA A 13 11.71 18.38 -35.87
N SER A 14 12.55 18.62 -36.88
CA SER A 14 13.44 17.63 -37.48
C SER A 14 14.84 17.76 -36.91
N VAL A 15 15.69 16.75 -37.12
CA VAL A 15 17.08 16.80 -36.70
C VAL A 15 17.84 17.87 -37.50
N GLY A 16 18.78 18.54 -36.83
CA GLY A 16 19.59 19.59 -37.43
C GLY A 16 18.96 20.97 -37.35
N ASP A 17 17.65 21.03 -37.05
CA ASP A 17 16.87 22.27 -36.92
C ASP A 17 17.30 23.14 -35.73
N THR A 18 17.02 24.43 -35.85
CA THR A 18 17.26 25.42 -34.83
C THR A 18 15.87 25.83 -34.33
N ILE A 19 15.55 25.42 -33.09
CA ILE A 19 14.23 25.68 -32.51
C ILE A 19 14.28 26.53 -31.25
N THR A 20 13.19 27.27 -31.00
CA THR A 20 13.06 28.15 -29.84
C THR A 20 11.80 27.87 -29.04
N ILE A 21 11.97 27.71 -27.70
CA ILE A 21 10.89 27.50 -26.74
C ILE A 21 10.73 28.76 -25.95
N THR A 22 9.52 29.35 -25.98
CA THR A 22 9.19 30.59 -25.27
C THR A 22 8.58 30.34 -23.89
N CYS A 23 9.10 31.07 -22.89
CA CYS A 23 8.61 31.01 -21.53
C CYS A 23 8.23 32.43 -21.11
N ARG A 24 7.01 32.59 -20.55
CA ARG A 24 6.46 33.87 -20.11
C ARG A 24 6.10 33.88 -18.64
N ALA A 25 6.55 34.96 -17.95
CA ALA A 25 6.29 35.25 -16.55
C ALA A 25 5.16 36.28 -16.47
N SER A 26 4.19 36.05 -15.54
CA SER A 26 3.03 36.92 -15.27
C SER A 26 3.44 38.35 -14.84
N GLN A 27 4.56 38.44 -14.11
CA GLN A 27 5.15 39.67 -13.58
C GLN A 27 6.69 39.55 -13.69
N SER A 28 7.45 40.67 -13.59
CA SER A 28 8.91 40.64 -13.70
C SER A 28 9.58 39.72 -12.68
N ILE A 29 10.43 38.82 -13.21
CA ILE A 29 11.16 37.82 -12.45
C ILE A 29 12.66 38.00 -12.68
N GLU A 30 13.03 39.19 -13.23
CA GLU A 30 14.40 39.63 -13.55
C GLU A 30 15.04 38.56 -14.42
N THR A 31 15.97 37.76 -13.89
CA THR A 31 16.60 36.67 -14.64
C THR A 31 16.60 35.40 -13.80
N TRP A 32 15.73 35.33 -12.78
CA TRP A 32 15.62 34.17 -11.88
C TRP A 32 14.82 33.05 -12.54
N LEU A 33 15.32 32.61 -13.71
CA LEU A 33 14.74 31.54 -14.51
C LEU A 33 15.75 30.44 -14.77
N ALA A 34 15.27 29.17 -14.74
CA ALA A 34 16.04 27.97 -14.99
C ALA A 34 15.33 27.05 -15.98
N TRP A 35 16.08 26.52 -16.95
CA TRP A 35 15.59 25.58 -17.95
C TRP A 35 16.05 24.20 -17.56
N TYR A 36 15.16 23.19 -17.70
CA TYR A 36 15.46 21.80 -17.37
C TYR A 36 15.10 20.89 -18.52
N GLN A 37 15.87 19.81 -18.68
CA GLN A 37 15.60 18.76 -19.65
C GLN A 37 15.06 17.56 -18.86
N GLN A 38 13.95 16.96 -19.32
CA GLN A 38 13.40 15.78 -18.67
C GLN A 38 12.98 14.71 -19.68
N LYS A 39 13.62 13.55 -19.57
CA LYS A 39 13.30 12.40 -20.44
C LYS A 39 12.42 11.42 -19.65
N PRO A 40 11.41 10.80 -20.33
CA PRO A 40 10.49 9.87 -19.64
C PRO A 40 11.11 8.90 -18.62
N GLY A 41 10.57 8.92 -17.40
CA GLY A 41 11.03 8.11 -16.29
C GLY A 41 12.17 8.73 -15.50
N LYS A 42 13.19 9.25 -16.22
CA LYS A 42 14.38 9.88 -15.65
C LYS A 42 14.06 11.21 -14.95
N ALA A 43 14.92 11.60 -13.99
CA ALA A 43 14.75 12.84 -13.21
C ALA A 43 15.14 14.09 -14.01
N PRO A 44 14.52 15.29 -13.76
CA PRO A 44 14.91 16.48 -14.52
C PRO A 44 16.38 16.85 -14.34
N LYS A 45 17.02 17.26 -15.44
CA LYS A 45 18.42 17.68 -15.51
C LYS A 45 18.48 19.18 -15.83
N LEU A 46 19.11 19.95 -14.93
CA LEU A 46 19.26 21.39 -15.06
C LEU A 46 20.20 21.74 -16.20
N LEU A 47 19.71 22.52 -17.19
CA LEU A 47 20.51 22.97 -18.33
C LEU A 47 21.03 24.41 -18.13
N ILE A 48 20.09 25.37 -17.98
CA ILE A 48 20.41 26.79 -17.83
C ILE A 48 19.76 27.36 -16.58
N TYR A 49 20.44 28.30 -15.94
CA TYR A 49 19.98 29.06 -14.79
C TYR A 49 20.38 30.53 -15.03
N LYS A 50 19.93 31.47 -14.17
CA LYS A 50 20.18 32.90 -14.30
C LYS A 50 19.90 33.35 -15.75
N ALA A 51 18.83 32.75 -16.32
CA ALA A 51 18.27 32.93 -17.66
C ALA A 51 19.16 32.57 -18.84
N SER A 52 20.50 32.67 -18.68
CA SER A 52 21.48 32.40 -19.74
C SER A 52 22.70 31.59 -19.26
N THR A 53 22.96 31.51 -17.93
CA THR A 53 24.09 30.74 -17.41
C THR A 53 23.88 29.25 -17.63
N LEU A 54 24.65 28.70 -18.57
CA LEU A 54 24.63 27.29 -18.96
C LEU A 54 25.46 26.49 -17.97
N LYS A 55 24.85 25.46 -17.36
CA LYS A 55 25.50 24.56 -16.39
C LYS A 55 26.66 23.78 -17.07
N THR A 56 27.67 23.42 -16.27
CA THR A 56 28.86 22.70 -16.71
C THR A 56 28.49 21.29 -17.24
N GLY A 57 28.85 21.04 -18.50
CA GLY A 57 28.58 19.76 -19.16
C GLY A 57 27.50 19.84 -20.21
N VAL A 58 26.65 20.87 -20.13
CA VAL A 58 25.55 21.09 -21.06
C VAL A 58 26.14 21.49 -22.43
N PRO A 59 25.71 20.84 -23.54
CA PRO A 59 26.25 21.19 -24.87
C PRO A 59 26.10 22.66 -25.26
N SER A 60 27.01 23.14 -26.13
CA SER A 60 27.03 24.51 -26.64
C SER A 60 25.81 24.83 -27.52
N ARG A 61 25.12 23.78 -28.04
CA ARG A 61 23.93 23.93 -28.88
C ARG A 61 22.73 24.51 -28.13
N PHE A 62 22.76 24.43 -26.79
CA PHE A 62 21.74 24.98 -25.91
C PHE A 62 22.03 26.45 -25.64
N SER A 63 20.97 27.27 -25.61
CA SER A 63 21.09 28.71 -25.40
C SER A 63 19.94 29.29 -24.55
N GLY A 64 20.32 30.16 -23.63
CA GLY A 64 19.40 30.88 -22.77
C GLY A 64 19.46 32.37 -23.04
N SER A 65 18.29 33.02 -22.95
CA SER A 65 18.13 34.46 -23.18
C SER A 65 16.80 34.96 -22.61
N GLY A 66 16.72 36.26 -22.39
CA GLY A 66 15.55 36.93 -21.85
C GLY A 66 15.79 37.56 -20.50
N SER A 67 14.80 38.37 -20.05
CA SER A 67 14.77 39.10 -18.76
C SER A 67 13.38 39.65 -18.47
N GLY A 68 13.06 39.75 -17.18
CA GLY A 68 11.78 40.26 -16.67
C GLY A 68 10.62 39.30 -16.87
N THR A 69 10.01 39.34 -18.07
CA THR A 69 8.83 38.54 -18.43
C THR A 69 9.01 37.57 -19.60
N GLU A 70 9.81 37.93 -20.63
CA GLU A 70 10.00 37.05 -21.79
C GLU A 70 11.32 36.29 -21.75
N PHE A 71 11.25 34.97 -21.82
CA PHE A 71 12.43 34.12 -21.77
C PHE A 71 12.44 33.19 -22.96
N THR A 72 13.65 32.73 -23.36
CA THR A 72 13.81 31.89 -24.54
C THR A 72 14.89 30.82 -24.40
N LEU A 73 14.50 29.57 -24.69
CA LEU A 73 15.42 28.44 -24.77
C LEU A 73 15.60 28.16 -26.26
N THR A 74 16.87 28.10 -26.68
CA THR A 74 17.21 27.87 -28.08
C THR A 74 18.14 26.66 -28.23
N ILE A 75 17.70 25.73 -29.07
CA ILE A 75 18.50 24.56 -29.41
C ILE A 75 18.82 24.73 -30.88
N SER A 76 20.12 24.94 -31.17
CA SER A 76 20.64 25.14 -32.51
C SER A 76 21.25 23.83 -32.99
N GLY A 77 20.64 23.26 -34.04
CA GLY A 77 21.08 21.97 -34.57
C GLY A 77 20.67 20.82 -33.67
N LEU A 78 19.44 20.33 -33.86
CA LEU A 78 18.84 19.26 -33.07
C LEU A 78 19.47 17.90 -33.23
N GLN A 79 19.85 17.33 -32.09
CA GLN A 79 20.41 15.99 -31.95
C GLN A 79 19.29 15.07 -31.43
N PHE A 80 19.38 13.76 -31.72
CA PHE A 80 18.39 12.77 -31.29
C PHE A 80 18.24 12.78 -29.79
N ASP A 81 19.34 12.98 -29.08
CA ASP A 81 19.37 13.03 -27.64
C ASP A 81 18.55 14.19 -27.07
N ASP A 82 18.47 15.33 -27.81
CA ASP A 82 17.73 16.53 -27.42
C ASP A 82 16.21 16.35 -27.34
N PHE A 83 15.69 15.30 -28.00
CA PHE A 83 14.25 15.01 -28.03
C PHE A 83 13.73 14.53 -26.67
N ALA A 84 13.06 15.46 -25.94
CA ALA A 84 12.52 15.30 -24.58
C ALA A 84 11.55 16.45 -24.23
N THR A 85 11.26 16.60 -22.94
CA THR A 85 10.42 17.67 -22.41
C THR A 85 11.31 18.76 -21.81
N TYR A 86 10.89 20.02 -21.96
CA TYR A 86 11.60 21.17 -21.43
C TYR A 86 10.69 21.98 -20.51
N HIS A 87 11.15 22.18 -19.26
CA HIS A 87 10.42 22.88 -18.22
C HIS A 87 11.11 24.16 -17.84
N CYS A 88 10.39 25.29 -17.93
CA CYS A 88 10.96 26.57 -17.52
C CYS A 88 10.57 26.79 -16.07
N GLN A 89 11.46 27.38 -15.27
CA GLN A 89 11.19 27.54 -13.85
C GLN A 89 11.62 28.89 -13.28
N HIS A 90 10.69 29.53 -12.55
CA HIS A 90 11.02 30.74 -11.82
C HIS A 90 11.48 30.27 -10.44
N TYR A 91 12.76 30.49 -10.11
CA TYR A 91 13.27 30.07 -8.82
C TYR A 91 13.47 31.25 -7.88
N ALA A 92 12.62 31.33 -6.85
CA ALA A 92 12.69 32.35 -5.81
C ALA A 92 13.41 31.72 -4.60
N GLY A 93 13.75 32.53 -3.60
CA GLY A 93 14.46 32.09 -2.40
C GLY A 93 13.89 30.84 -1.73
N TYR A 94 12.59 30.88 -1.39
CA TYR A 94 11.92 29.79 -0.69
C TYR A 94 10.68 29.23 -1.43
N SER A 95 10.54 29.56 -2.71
CA SER A 95 9.46 29.07 -3.55
C SER A 95 9.94 28.91 -4.99
N ALA A 96 9.11 28.33 -5.86
CA ALA A 96 9.35 28.11 -7.29
C ALA A 96 8.05 27.82 -7.99
N THR A 97 7.99 28.16 -9.29
CA THR A 97 6.85 27.85 -10.17
C THR A 97 7.42 27.39 -11.47
N PHE A 98 6.86 26.31 -12.03
CA PHE A 98 7.30 25.74 -13.30
C PHE A 98 6.34 26.06 -14.44
N GLY A 99 6.83 25.88 -15.66
CA GLY A 99 6.06 26.00 -16.88
C GLY A 99 5.31 24.70 -17.06
N GLN A 100 4.34 24.68 -17.98
CA GLN A 100 3.54 23.48 -18.24
C GLN A 100 4.33 22.34 -18.90
N GLY A 101 5.47 22.69 -19.47
CA GLY A 101 6.35 21.77 -20.17
C GLY A 101 6.18 21.91 -21.67
N THR A 102 7.24 21.53 -22.38
CA THR A 102 7.30 21.54 -23.83
C THR A 102 7.84 20.21 -24.30
N ARG A 103 7.01 19.46 -25.01
CA ARG A 103 7.47 18.20 -25.52
C ARG A 103 8.00 18.44 -26.92
N VAL A 104 9.34 18.32 -27.06
CA VAL A 104 10.07 18.46 -28.32
C VAL A 104 10.20 17.05 -28.89
N GLU A 105 9.52 16.83 -30.03
CA GLU A 105 9.42 15.57 -30.75
C GLU A 105 9.74 15.74 -32.21
N ILE A 106 9.88 14.61 -32.91
CA ILE A 106 10.21 14.57 -34.34
C ILE A 106 8.97 14.84 -35.19
N LYS A 107 9.08 15.80 -36.10
CA LYS A 107 7.99 16.11 -37.01
C LYS A 107 7.90 15.03 -38.09
N ARG A 108 6.67 14.66 -38.44
CA ARG A 108 6.31 13.74 -39.52
C ARG A 108 4.88 14.07 -39.94
N THR A 109 4.32 13.34 -40.91
CA THR A 109 2.98 13.67 -41.36
C THR A 109 1.91 13.01 -40.51
N VAL A 110 0.69 13.59 -40.51
CA VAL A 110 -0.45 13.02 -39.81
C VAL A 110 -0.67 11.59 -40.32
N ALA A 111 -0.75 10.63 -39.40
CA ALA A 111 -0.94 9.22 -39.71
C ALA A 111 -2.04 8.68 -38.82
N ALA A 112 -3.13 8.21 -39.44
CA ALA A 112 -4.27 7.63 -38.75
C ALA A 112 -3.89 6.27 -38.14
N PRO A 113 -4.40 5.93 -36.93
CA PRO A 113 -4.06 4.63 -36.34
C PRO A 113 -4.77 3.46 -36.98
N SER A 114 -4.19 2.28 -36.78
CA SER A 114 -4.76 1.00 -37.17
C SER A 114 -5.29 0.49 -35.82
N VAL A 115 -6.61 0.37 -35.71
CA VAL A 115 -7.29 -0.05 -34.48
C VAL A 115 -7.58 -1.56 -34.47
N PHE A 116 -7.24 -2.23 -33.38
CA PHE A 116 -7.44 -3.67 -33.19
C PHE A 116 -8.02 -3.89 -31.83
N ILE A 117 -9.05 -4.73 -31.75
CA ILE A 117 -9.72 -5.09 -30.50
C ILE A 117 -9.42 -6.55 -30.19
N PHE A 118 -9.10 -6.86 -28.92
CA PHE A 118 -8.82 -8.22 -28.47
C PHE A 118 -9.75 -8.65 -27.37
N PRO A 119 -10.52 -9.72 -27.62
CA PRO A 119 -11.40 -10.26 -26.57
C PRO A 119 -10.56 -10.92 -25.47
N PRO A 120 -11.07 -11.08 -24.24
CA PRO A 120 -10.25 -11.75 -23.21
C PRO A 120 -10.08 -13.23 -23.52
N SER A 121 -8.86 -13.76 -23.32
CA SER A 121 -8.48 -15.16 -23.51
C SER A 121 -9.30 -16.04 -22.56
N ASP A 122 -9.79 -17.21 -23.06
CA ASP A 122 -10.59 -18.18 -22.29
C ASP A 122 -9.87 -18.59 -21.00
N GLU A 123 -8.53 -18.69 -21.08
CA GLU A 123 -7.64 -19.00 -19.96
C GLU A 123 -7.92 -18.02 -18.82
N GLN A 124 -7.84 -16.70 -19.10
CA GLN A 124 -8.12 -15.63 -18.13
C GLN A 124 -9.55 -15.66 -17.63
N LEU A 125 -10.50 -15.95 -18.53
CA LEU A 125 -11.91 -16.01 -18.20
C LEU A 125 -12.19 -17.02 -17.11
N LYS A 126 -11.50 -18.19 -17.17
CA LYS A 126 -11.61 -19.29 -16.20
C LYS A 126 -11.12 -18.84 -14.81
N SER A 127 -10.13 -17.91 -14.78
CA SER A 127 -9.52 -17.37 -13.56
C SER A 127 -10.37 -16.26 -12.88
N GLY A 128 -11.57 -16.00 -13.38
CA GLY A 128 -12.51 -15.01 -12.83
C GLY A 128 -12.34 -13.57 -13.25
N THR A 129 -11.51 -13.30 -14.30
CA THR A 129 -11.26 -11.93 -14.79
C THR A 129 -11.39 -11.85 -16.33
N ALA A 130 -11.73 -10.66 -16.83
CA ALA A 130 -11.83 -10.40 -18.26
C ALA A 130 -11.11 -9.10 -18.64
N SER A 131 -10.04 -9.23 -19.43
CA SER A 131 -9.29 -8.08 -19.90
C SER A 131 -9.48 -7.87 -21.41
N VAL A 132 -10.27 -6.84 -21.75
CA VAL A 132 -10.56 -6.44 -23.14
C VAL A 132 -9.53 -5.36 -23.52
N VAL A 133 -8.76 -5.62 -24.58
CA VAL A 133 -7.68 -4.74 -25.03
C VAL A 133 -7.96 -4.07 -26.39
N CYS A 134 -7.67 -2.77 -26.47
CA CYS A 134 -7.77 -2.02 -27.71
C CYS A 134 -6.42 -1.51 -28.12
N LEU A 135 -6.08 -1.69 -29.38
CA LEU A 135 -4.81 -1.22 -29.86
C LEU A 135 -5.01 -0.14 -30.88
N LEU A 136 -4.19 0.92 -30.78
CA LEU A 136 -4.12 2.06 -31.72
C LEU A 136 -2.70 1.97 -32.20
N ASN A 137 -2.54 1.47 -33.43
CA ASN A 137 -1.22 1.22 -33.99
C ASN A 137 -0.69 2.27 -34.94
N ASN A 138 0.59 2.65 -34.71
CA ASN A 138 1.37 3.59 -35.51
C ASN A 138 0.57 4.83 -35.99
N PHE A 139 0.29 5.76 -35.05
CA PHE A 139 -0.45 6.99 -35.33
C PHE A 139 0.35 8.27 -35.05
N TYR A 140 -0.03 9.37 -35.71
CA TYR A 140 0.60 10.68 -35.51
C TYR A 140 -0.36 11.85 -35.73
N PRO A 141 -0.40 12.86 -34.83
CA PRO A 141 0.38 13.01 -33.58
C PRO A 141 -0.10 12.16 -32.40
N ARG A 142 0.56 12.34 -31.24
CA ARG A 142 0.32 11.65 -29.99
C ARG A 142 -1.10 11.74 -29.48
N GLU A 143 -1.76 12.91 -29.64
CA GLU A 143 -3.11 13.12 -29.12
C GLU A 143 -4.20 12.22 -29.76
N ALA A 144 -4.71 11.28 -28.94
CA ALA A 144 -5.72 10.28 -29.34
C ALA A 144 -6.72 9.97 -28.22
N LYS A 145 -8.02 9.84 -28.56
CA LYS A 145 -9.07 9.54 -27.60
C LYS A 145 -9.66 8.13 -27.82
N VAL A 146 -9.80 7.37 -26.73
CA VAL A 146 -10.34 6.01 -26.73
C VAL A 146 -11.54 5.96 -25.82
N GLN A 147 -12.65 5.40 -26.30
CA GLN A 147 -13.86 5.24 -25.48
C GLN A 147 -14.38 3.80 -25.54
N TRP A 148 -14.69 3.22 -24.36
CA TRP A 148 -15.21 1.86 -24.29
C TRP A 148 -16.75 1.90 -24.20
N LYS A 149 -17.44 1.18 -25.12
CA LYS A 149 -18.88 1.13 -25.22
C LYS A 149 -19.44 -0.28 -25.14
N VAL A 150 -19.67 -0.75 -23.91
CA VAL A 150 -20.24 -2.08 -23.65
C VAL A 150 -21.76 -2.04 -23.85
N ASP A 151 -22.27 -2.75 -24.89
CA ASP A 151 -23.69 -2.79 -25.29
C ASP A 151 -24.21 -1.36 -25.51
N ASN A 152 -23.35 -0.53 -26.14
CA ASN A 152 -23.49 0.91 -26.40
C ASN A 152 -23.26 1.82 -25.18
N ALA A 153 -23.27 1.26 -23.96
CA ALA A 153 -23.06 2.03 -22.73
C ALA A 153 -21.60 2.44 -22.58
N LEU A 154 -21.34 3.75 -22.56
CA LEU A 154 -19.97 4.24 -22.39
C LEU A 154 -19.46 3.89 -20.99
N GLN A 155 -18.19 3.51 -20.92
CA GLN A 155 -17.52 3.10 -19.69
C GLN A 155 -16.54 4.15 -19.18
N SER A 156 -16.32 4.16 -17.84
CA SER A 156 -15.44 5.08 -17.14
C SER A 156 -14.97 4.47 -15.82
N GLY A 157 -13.66 4.53 -15.59
CA GLY A 157 -13.05 4.02 -14.36
C GLY A 157 -12.73 2.54 -14.32
N ASN A 158 -12.78 1.86 -15.50
CA ASN A 158 -12.49 0.43 -15.67
C ASN A 158 -11.35 0.24 -16.68
N SER A 159 -11.12 1.28 -17.46
CA SER A 159 -10.08 1.35 -18.50
C SER A 159 -8.80 2.02 -18.03
N GLN A 160 -7.66 1.53 -18.55
CA GLN A 160 -6.33 2.03 -18.32
C GLN A 160 -5.53 1.91 -19.59
N GLU A 161 -4.91 3.02 -20.00
CA GLU A 161 -4.10 3.09 -21.21
C GLU A 161 -2.66 3.48 -20.97
N SER A 162 -1.76 3.10 -21.89
CA SER A 162 -0.34 3.45 -21.91
C SER A 162 0.13 3.67 -23.34
N VAL A 163 1.04 4.65 -23.54
CA VAL A 163 1.55 5.08 -24.85
C VAL A 163 3.04 4.86 -24.97
N THR A 164 3.47 4.30 -26.12
CA THR A 164 4.89 4.10 -26.43
C THR A 164 5.53 5.42 -26.82
N GLU A 165 6.86 5.46 -26.78
CA GLU A 165 7.68 6.59 -27.20
C GLU A 165 7.60 6.69 -28.72
N GLN A 166 8.01 7.84 -29.28
CA GLN A 166 8.02 8.06 -30.72
C GLN A 166 8.92 7.00 -31.36
N ASP A 167 8.44 6.33 -32.42
CA ASP A 167 9.18 5.25 -33.09
C ASP A 167 10.52 5.71 -33.68
N SER A 168 11.55 4.88 -33.46
CA SER A 168 12.93 5.07 -33.92
C SER A 168 13.01 5.42 -35.41
N LYS A 169 12.32 4.64 -36.28
CA LYS A 169 12.31 4.83 -37.73
C LYS A 169 11.10 5.56 -38.30
N ASP A 170 9.85 5.11 -38.01
CA ASP A 170 8.64 5.70 -38.56
C ASP A 170 8.11 6.97 -37.89
N SER A 171 8.63 7.30 -36.69
CA SER A 171 8.25 8.51 -35.91
C SER A 171 6.77 8.61 -35.47
N THR A 172 6.09 7.46 -35.32
CA THR A 172 4.70 7.41 -34.85
C THR A 172 4.61 6.87 -33.42
N TYR A 173 3.39 6.95 -32.85
CA TYR A 173 3.08 6.50 -31.50
C TYR A 173 2.14 5.30 -31.53
N SER A 174 2.07 4.58 -30.40
CA SER A 174 1.16 3.47 -30.22
C SER A 174 0.54 3.57 -28.84
N LEU A 175 -0.77 3.34 -28.76
CA LEU A 175 -1.51 3.39 -27.51
C LEU A 175 -2.19 2.04 -27.32
N SER A 176 -2.27 1.58 -26.06
CA SER A 176 -2.99 0.36 -25.73
C SER A 176 -3.86 0.60 -24.51
N SER A 177 -5.18 0.51 -24.67
CA SER A 177 -6.13 0.68 -23.56
C SER A 177 -6.75 -0.67 -23.16
N THR A 178 -6.72 -0.98 -21.85
CA THR A 178 -7.27 -2.22 -21.31
C THR A 178 -8.46 -2.03 -20.40
N LEU A 179 -9.62 -2.50 -20.86
CA LEU A 179 -10.86 -2.52 -20.11
C LEU A 179 -10.82 -3.79 -19.24
N THR A 180 -11.00 -3.63 -17.92
CA THR A 180 -10.92 -4.74 -16.98
C THR A 180 -12.24 -4.93 -16.27
N LEU A 181 -12.82 -6.13 -16.45
CA LEU A 181 -14.09 -6.56 -15.88
C LEU A 181 -13.96 -7.88 -15.13
N SER A 182 -14.89 -8.16 -14.23
CA SER A 182 -14.91 -9.44 -13.54
C SER A 182 -15.51 -10.41 -14.58
N LYS A 183 -15.32 -11.74 -14.38
CA LYS A 183 -15.89 -12.76 -15.29
C LYS A 183 -17.41 -12.57 -15.32
N ALA A 184 -18.00 -12.37 -14.12
CA ALA A 184 -19.42 -12.13 -13.87
C ALA A 184 -19.93 -10.96 -14.71
N ASP A 185 -19.35 -9.72 -14.52
CA ASP A 185 -19.73 -8.51 -15.27
C ASP A 185 -19.66 -8.72 -16.79
N TYR A 186 -18.55 -9.31 -17.26
CA TYR A 186 -18.31 -9.59 -18.67
C TYR A 186 -19.40 -10.44 -19.30
N GLU A 187 -19.88 -11.45 -18.57
CA GLU A 187 -20.89 -12.38 -19.07
C GLU A 187 -22.33 -11.83 -19.03
N LYS A 188 -22.52 -10.60 -18.52
CA LYS A 188 -23.83 -9.92 -18.47
C LYS A 188 -24.07 -9.13 -19.80
N HIS A 189 -23.01 -8.94 -20.61
CA HIS A 189 -23.10 -8.16 -21.83
C HIS A 189 -22.65 -8.90 -23.08
N LYS A 190 -23.19 -8.49 -24.24
CA LYS A 190 -22.90 -9.09 -25.54
C LYS A 190 -21.83 -8.35 -26.34
N VAL A 191 -22.12 -7.08 -26.68
CA VAL A 191 -21.23 -6.33 -27.55
C VAL A 191 -20.25 -5.37 -26.86
N TYR A 192 -18.97 -5.65 -27.11
CA TYR A 192 -17.84 -4.90 -26.60
C TYR A 192 -17.23 -4.14 -27.75
N ALA A 193 -17.25 -2.80 -27.64
CA ALA A 193 -16.76 -1.90 -28.66
C ALA A 193 -15.75 -0.90 -28.11
N CYS A 194 -14.87 -0.47 -28.99
CA CYS A 194 -13.81 0.46 -28.73
C CYS A 194 -13.85 1.56 -29.80
N GLU A 195 -14.27 2.80 -29.42
CA GLU A 195 -14.38 3.95 -30.33
C GLU A 195 -13.15 4.86 -30.22
N VAL A 196 -12.44 5.01 -31.34
CA VAL A 196 -11.20 5.77 -31.38
C VAL A 196 -11.31 7.10 -32.11
N THR A 197 -10.97 8.20 -31.40
CA THR A 197 -11.02 9.55 -31.98
C THR A 197 -9.60 10.10 -32.16
N HIS A 198 -9.25 10.48 -33.39
CA HIS A 198 -7.92 10.99 -33.76
C HIS A 198 -7.99 11.99 -34.94
N GLN A 199 -6.99 12.87 -35.00
CA GLN A 199 -6.78 13.94 -35.98
C GLN A 199 -6.76 13.49 -37.47
N GLY A 200 -6.20 12.29 -37.71
CA GLY A 200 -6.08 11.67 -39.03
C GLY A 200 -7.27 10.82 -39.44
N LEU A 201 -8.35 10.91 -38.67
CA LEU A 201 -9.60 10.20 -38.88
C LEU A 201 -10.68 11.21 -39.24
N SER A 202 -11.43 10.96 -40.33
CA SER A 202 -12.53 11.81 -40.77
C SER A 202 -13.66 11.82 -39.75
N SER A 203 -13.85 10.68 -39.12
CA SER A 203 -14.86 10.39 -38.11
C SER A 203 -14.24 9.32 -37.19
N PRO A 204 -14.73 9.16 -35.95
CA PRO A 204 -14.13 8.11 -35.09
C PRO A 204 -14.41 6.69 -35.58
N VAL A 205 -13.37 5.84 -35.51
CA VAL A 205 -13.41 4.43 -35.90
C VAL A 205 -13.85 3.61 -34.69
N THR A 206 -14.84 2.73 -34.89
CA THR A 206 -15.35 1.86 -33.83
C THR A 206 -15.04 0.41 -34.19
N LYS A 207 -14.13 -0.21 -33.43
CA LYS A 207 -13.80 -1.63 -33.62
C LYS A 207 -14.53 -2.44 -32.56
N SER A 208 -15.25 -3.49 -33.00
CA SER A 208 -16.14 -4.23 -32.15
C SER A 208 -16.09 -5.76 -32.29
N PHE A 209 -16.65 -6.47 -31.28
CA PHE A 209 -16.80 -7.93 -31.20
C PHE A 209 -17.95 -8.34 -30.30
N ASN A 210 -18.48 -9.53 -30.55
CA ASN A 210 -19.54 -10.12 -29.72
C ASN A 210 -18.99 -11.35 -29.01
N ARG A 211 -19.49 -11.66 -27.81
CA ARG A 211 -19.04 -12.86 -27.09
C ARG A 211 -19.42 -14.14 -27.90
N GLY A 212 -18.44 -14.68 -28.65
CA GLY A 212 -18.58 -15.86 -29.51
C GLY A 212 -19.26 -15.58 -30.84
N GLU B 1 29.38 11.22 -8.32
CA GLU B 1 28.28 12.18 -8.44
C GLU B 1 27.53 12.34 -7.11
N VAL B 2 26.86 13.50 -6.93
CA VAL B 2 26.02 13.78 -5.77
C VAL B 2 24.66 13.07 -5.99
N GLN B 3 24.18 12.31 -4.99
CA GLN B 3 22.94 11.53 -5.13
C GLN B 3 21.85 11.88 -4.13
N LEU B 4 20.58 11.68 -4.52
CA LEU B 4 19.38 11.85 -3.70
C LEU B 4 18.43 10.68 -3.97
N VAL B 5 17.84 10.08 -2.91
CA VAL B 5 16.94 8.93 -3.06
C VAL B 5 15.67 9.05 -2.24
N GLU B 6 14.54 9.20 -2.95
CA GLU B 6 13.21 9.27 -2.34
C GLU B 6 12.74 7.85 -2.11
N SER B 7 12.07 7.63 -0.97
CA SER B 7 11.53 6.33 -0.62
C SER B 7 10.23 6.50 0.17
N GLY B 8 9.24 5.63 -0.12
CA GLY B 8 7.95 5.63 0.54
C GLY B 8 6.71 5.72 -0.33
N GLY B 9 6.89 5.72 -1.65
CA GLY B 9 5.77 5.79 -2.60
C GLY B 9 4.81 4.62 -2.55
N GLY B 10 3.80 4.66 -3.42
CA GLY B 10 2.80 3.59 -3.50
C GLY B 10 1.37 4.04 -3.72
N LEU B 11 0.44 3.11 -3.52
CA LEU B 11 -0.98 3.32 -3.71
C LEU B 11 -1.68 3.71 -2.41
N VAL B 12 -2.55 4.70 -2.50
CA VAL B 12 -3.28 5.27 -1.37
C VAL B 12 -4.71 5.64 -1.78
N LYS B 13 -5.66 5.41 -0.90
CA LYS B 13 -7.05 5.76 -1.17
C LYS B 13 -7.28 7.24 -0.91
N ALA B 14 -8.25 7.83 -1.61
CA ALA B 14 -8.58 9.24 -1.43
C ALA B 14 -8.97 9.51 0.02
N GLY B 15 -8.38 10.55 0.59
CA GLY B 15 -8.58 10.93 1.99
C GLY B 15 -7.53 10.37 2.92
N GLY B 16 -6.69 9.48 2.40
CA GLY B 16 -5.62 8.83 3.16
C GLY B 16 -4.42 9.70 3.47
N SER B 17 -3.35 9.02 3.90
CA SER B 17 -2.07 9.63 4.26
C SER B 17 -0.91 8.75 3.79
N LEU B 18 0.24 9.38 3.53
CA LEU B 18 1.48 8.70 3.12
C LEU B 18 2.64 9.67 3.37
N ILE B 19 3.73 9.13 3.94
CA ILE B 19 4.93 9.89 4.25
C ILE B 19 6.04 9.44 3.30
N LEU B 20 6.73 10.41 2.72
CA LEU B 20 7.86 10.19 1.82
C LEU B 20 9.12 10.68 2.54
N SER B 21 10.21 9.92 2.40
CA SER B 21 11.50 10.24 2.98
C SER B 21 12.49 10.40 1.85
N CYS B 22 13.43 11.31 2.03
CA CYS B 22 14.47 11.59 1.06
C CYS B 22 15.82 11.47 1.76
N GLY B 23 16.64 10.56 1.25
CA GLY B 23 17.99 10.26 1.73
C GLY B 23 19.01 10.66 0.69
N VAL B 24 20.22 11.05 1.13
CA VAL B 24 21.26 11.55 0.20
C VAL B 24 22.64 10.87 0.27
N SER B 25 23.45 11.06 -0.81
CA SER B 25 24.81 10.54 -0.93
C SER B 25 25.77 11.58 -1.52
N ASN B 26 26.97 11.70 -0.91
CA ASN B 26 28.10 12.57 -1.28
C ASN B 26 27.91 14.07 -1.03
N PHE B 27 27.15 14.42 0.03
CA PHE B 27 26.94 15.80 0.48
C PHE B 27 26.08 15.86 1.74
N ARG B 28 26.19 16.96 2.50
CA ARG B 28 25.36 17.15 3.69
C ARG B 28 24.16 18.03 3.31
N ILE B 29 22.99 17.76 3.91
CA ILE B 29 21.73 18.49 3.72
C ILE B 29 21.76 19.88 4.36
N SER B 30 22.44 20.00 5.51
CA SER B 30 22.58 21.15 6.40
C SER B 30 22.43 22.55 5.80
N ALA B 31 23.28 22.89 4.82
CA ALA B 31 23.32 24.22 4.21
C ALA B 31 22.43 24.42 2.98
N HIS B 32 21.65 23.40 2.61
CA HIS B 32 20.79 23.51 1.46
C HIS B 32 19.35 23.71 1.79
N THR B 33 18.66 24.49 0.94
CA THR B 33 17.22 24.63 1.07
C THR B 33 16.74 23.40 0.30
N MET B 34 16.06 22.48 1.00
CA MET B 34 15.53 21.26 0.40
C MET B 34 14.11 21.45 -0.09
N ASN B 35 13.80 20.84 -1.25
CA ASN B 35 12.51 20.97 -1.93
C ASN B 35 11.90 19.66 -2.43
N TRP B 36 10.57 19.61 -2.55
CA TRP B 36 9.87 18.49 -3.19
C TRP B 36 9.12 19.02 -4.41
N VAL B 37 9.16 18.27 -5.51
CA VAL B 37 8.51 18.58 -6.79
C VAL B 37 7.83 17.30 -7.26
N ARG B 38 6.71 17.41 -7.98
CA ARG B 38 6.02 16.26 -8.51
C ARG B 38 5.79 16.40 -10.02
N ARG B 39 5.81 15.27 -10.74
CA ARG B 39 5.48 15.23 -12.16
C ARG B 39 4.12 14.62 -12.32
N VAL B 40 3.13 15.47 -12.56
CA VAL B 40 1.76 15.05 -12.79
C VAL B 40 1.63 14.32 -14.17
N PRO B 41 0.79 13.27 -14.30
CA PRO B 41 0.65 12.55 -15.59
C PRO B 41 0.57 13.39 -16.87
N GLY B 42 -0.09 14.55 -16.76
CA GLY B 42 -0.21 15.54 -17.82
C GLY B 42 1.12 15.94 -18.44
N GLY B 43 2.19 15.82 -17.67
CA GLY B 43 3.54 16.05 -18.16
C GLY B 43 4.39 17.05 -17.38
N GLY B 44 3.73 18.10 -16.89
CA GLY B 44 4.39 19.18 -16.19
C GLY B 44 4.85 18.88 -14.79
N LEU B 45 5.59 19.82 -14.22
CA LEU B 45 6.09 19.74 -12.86
C LEU B 45 5.39 20.75 -11.99
N GLU B 46 5.08 20.34 -10.77
CA GLU B 46 4.47 21.24 -9.80
C GLU B 46 5.40 21.32 -8.59
N TRP B 47 5.88 22.52 -8.26
CA TRP B 47 6.72 22.67 -7.07
C TRP B 47 5.80 22.35 -5.89
N VAL B 48 6.25 21.48 -4.98
CA VAL B 48 5.40 21.09 -3.87
C VAL B 48 5.70 21.87 -2.62
N ALA B 49 6.79 21.55 -1.94
CA ALA B 49 7.15 22.22 -0.69
C ALA B 49 8.63 22.56 -0.69
N SER B 50 9.01 23.54 0.14
CA SER B 50 10.38 24.01 0.31
C SER B 50 10.67 24.10 1.80
N ILE B 51 11.87 23.68 2.22
CA ILE B 51 12.29 23.83 3.63
C ILE B 51 13.64 24.55 3.69
N SER B 52 13.68 25.71 4.32
CA SER B 52 14.92 26.47 4.47
C SER B 52 15.90 25.77 5.39
N THR B 53 17.16 26.23 5.35
CA THR B 53 18.26 25.76 6.19
C THR B 53 17.82 25.86 7.65
N SER B 54 18.07 24.79 8.42
CA SER B 54 17.67 24.65 9.84
C SER B 54 16.17 24.93 10.12
N SER B 55 15.29 24.53 9.15
CA SER B 55 13.81 24.61 9.16
C SER B 55 13.18 25.98 9.49
N THR B 56 13.91 27.08 9.20
CA THR B 56 13.51 28.47 9.49
C THR B 56 12.23 28.87 8.78
N TYR B 57 12.16 28.59 7.45
CA TYR B 57 11.03 28.89 6.60
C TYR B 57 10.53 27.63 5.88
N ARG B 58 9.20 27.40 5.91
CA ARG B 58 8.55 26.27 5.21
C ARG B 58 7.42 26.81 4.29
N ASP B 59 7.59 26.61 2.98
CA ASP B 59 6.66 27.04 1.95
C ASP B 59 6.01 25.89 1.25
N TYR B 60 4.72 26.02 0.93
CA TYR B 60 3.95 24.98 0.28
C TYR B 60 3.20 25.50 -0.95
N ALA B 61 2.86 24.59 -1.89
CA ALA B 61 2.08 24.93 -3.09
C ALA B 61 0.66 25.11 -2.56
N ASP B 62 -0.06 26.05 -3.12
CA ASP B 62 -1.40 26.37 -2.64
C ASP B 62 -2.32 25.18 -2.42
N ALA B 63 -2.39 24.26 -3.41
CA ALA B 63 -3.22 23.05 -3.34
C ALA B 63 -2.84 22.13 -2.18
N VAL B 64 -1.54 21.92 -1.98
CA VAL B 64 -0.99 21.05 -0.95
C VAL B 64 -0.92 21.71 0.44
N LYS B 65 -1.15 23.04 0.51
CA LYS B 65 -1.09 23.79 1.77
C LYS B 65 -2.12 23.28 2.76
N GLY B 66 -1.68 23.12 4.02
CA GLY B 66 -2.50 22.64 5.12
C GLY B 66 -2.85 21.16 5.06
N ARG B 67 -2.13 20.38 4.22
CA ARG B 67 -2.35 18.93 4.07
C ARG B 67 -1.00 18.23 4.08
N PHE B 68 0.05 18.96 3.61
CA PHE B 68 1.39 18.44 3.50
C PHE B 68 2.31 19.12 4.52
N THR B 69 3.37 18.40 4.96
CA THR B 69 4.36 18.90 5.91
C THR B 69 5.78 18.48 5.51
N VAL B 70 6.63 19.50 5.30
CA VAL B 70 8.03 19.32 4.95
C VAL B 70 8.90 19.37 6.22
N SER B 71 9.88 18.45 6.33
CA SER B 71 10.71 18.33 7.52
C SER B 71 12.10 17.93 7.18
N ARG B 72 13.06 18.39 8.01
CA ARG B 72 14.46 18.09 7.79
C ARG B 72 15.17 17.51 9.01
N ASP B 73 16.10 16.56 8.72
CA ASP B 73 16.97 15.90 9.68
C ASP B 73 18.35 16.21 9.18
N ASP B 74 18.96 17.25 9.78
CA ASP B 74 20.28 17.74 9.39
C ASP B 74 21.39 16.77 9.83
N LEU B 75 21.27 16.22 11.04
CA LEU B 75 22.27 15.31 11.60
C LEU B 75 22.44 13.97 10.89
N GLU B 76 21.34 13.39 10.40
CA GLU B 76 21.37 12.13 9.66
C GLU B 76 21.02 12.34 8.17
N ASP B 77 21.02 13.59 7.68
CA ASP B 77 20.74 13.98 6.29
C ASP B 77 19.47 13.35 5.66
N PHE B 78 18.30 13.75 6.19
CA PHE B 78 16.99 13.27 5.72
C PHE B 78 15.99 14.39 5.56
N VAL B 79 15.13 14.25 4.54
CA VAL B 79 14.07 15.19 4.21
C VAL B 79 12.78 14.40 4.15
N TYR B 80 11.74 14.91 4.81
CA TYR B 80 10.45 14.27 4.89
C TYR B 80 9.32 15.10 4.32
N LEU B 81 8.31 14.39 3.78
CA LEU B 81 7.08 14.94 3.22
C LEU B 81 5.89 14.13 3.72
N GLN B 82 5.06 14.78 4.55
CA GLN B 82 3.84 14.22 5.13
C GLN B 82 2.73 14.60 4.19
N MET B 83 2.00 13.63 3.67
CA MET B 83 0.86 13.92 2.80
C MET B 83 -0.40 13.35 3.43
N HIS B 84 -1.36 14.26 3.75
CA HIS B 84 -2.63 13.91 4.39
C HIS B 84 -3.80 14.36 3.57
N LYS B 85 -5.02 13.89 3.94
CA LYS B 85 -6.29 14.22 3.29
C LYS B 85 -6.07 14.20 1.76
N MET B 86 -5.33 13.19 1.33
CA MET B 86 -4.87 13.02 -0.03
C MET B 86 -5.93 13.02 -1.12
N ARG B 87 -5.70 13.86 -2.15
CA ARG B 87 -6.60 14.03 -3.30
C ARG B 87 -6.08 13.26 -4.52
N VAL B 88 -6.99 12.84 -5.44
CA VAL B 88 -6.64 12.15 -6.70
C VAL B 88 -5.60 12.96 -7.50
N GLU B 89 -5.77 14.30 -7.58
CA GLU B 89 -4.84 15.22 -8.25
C GLU B 89 -3.41 15.14 -7.68
N ASP B 90 -3.24 14.56 -6.46
CA ASP B 90 -1.94 14.35 -5.84
C ASP B 90 -1.15 13.18 -6.47
N THR B 91 -1.76 12.50 -7.46
CA THR B 91 -1.11 11.42 -8.18
C THR B 91 0.02 12.03 -9.01
N ALA B 92 1.26 11.62 -8.74
CA ALA B 92 2.44 12.10 -9.44
C ALA B 92 3.68 11.32 -9.04
N ILE B 93 4.81 11.54 -9.77
CA ILE B 93 6.12 11.02 -9.39
C ILE B 93 6.65 12.13 -8.49
N TYR B 94 7.16 11.79 -7.29
CA TYR B 94 7.70 12.81 -6.39
C TYR B 94 9.18 12.76 -6.33
N TYR B 95 9.81 13.90 -6.60
CA TYR B 95 11.25 14.13 -6.65
C TYR B 95 11.66 15.01 -5.47
N CYS B 96 12.78 14.69 -4.81
CA CYS B 96 13.26 15.62 -3.80
C CYS B 96 14.47 16.29 -4.45
N ALA B 97 14.54 17.63 -4.35
CA ALA B 97 15.62 18.37 -4.99
C ALA B 97 16.35 19.30 -4.06
N ARG B 98 17.41 19.92 -4.57
CA ARG B 98 18.26 20.78 -3.80
C ARG B 98 18.53 22.11 -4.51
N LYS B 99 18.34 23.25 -3.79
CA LYS B 99 18.74 24.58 -4.27
C LYS B 99 20.25 24.53 -4.10
N GLY B 100 21.00 24.64 -5.19
CA GLY B 100 22.46 24.58 -5.10
C GLY B 100 23.25 25.11 -6.28
N SER B 101 24.57 25.30 -6.07
CA SER B 101 25.55 25.74 -7.07
C SER B 101 26.97 25.33 -6.61
N ASP B 102 27.99 25.64 -7.43
CA ASP B 102 29.40 25.38 -7.14
C ASP B 102 29.86 26.20 -5.90
N ARG B 103 29.32 27.43 -5.79
CA ARG B 103 29.46 28.36 -4.67
C ARG B 103 28.00 28.74 -4.34
N LEU B 104 27.57 28.40 -3.12
CA LEU B 104 26.24 28.68 -2.65
C LEU B 104 25.96 30.19 -2.67
N SER B 105 24.80 30.57 -3.21
CA SER B 105 24.34 31.96 -3.29
C SER B 105 23.00 32.06 -2.56
N ASP B 106 22.40 33.26 -2.53
CA ASP B 106 21.12 33.51 -1.87
C ASP B 106 19.91 33.02 -2.66
N ASN B 107 20.13 32.57 -3.93
CA ASN B 107 19.09 32.05 -4.82
C ASN B 107 19.68 31.21 -5.96
N ASP B 108 19.68 29.89 -5.77
CA ASP B 108 20.21 28.95 -6.76
C ASP B 108 19.20 27.97 -7.27
N PRO B 109 19.39 27.44 -8.51
CA PRO B 109 18.43 26.46 -9.06
C PRO B 109 18.47 25.09 -8.36
N PHE B 110 17.65 24.14 -8.82
CA PHE B 110 17.59 22.78 -8.28
C PHE B 110 18.63 21.97 -9.03
N ASP B 111 19.90 22.09 -8.62
CA ASP B 111 21.04 21.44 -9.26
C ASP B 111 21.10 19.91 -9.06
N ALA B 112 20.40 19.38 -8.05
CA ALA B 112 20.39 17.96 -7.71
C ALA B 112 18.96 17.45 -7.49
N TRP B 113 18.62 16.29 -8.09
CA TRP B 113 17.30 15.65 -8.02
C TRP B 113 17.45 14.18 -7.64
N GLY B 114 16.40 13.61 -7.07
CA GLY B 114 16.34 12.18 -6.80
C GLY B 114 15.76 11.49 -8.03
N PRO B 115 15.75 10.14 -8.11
CA PRO B 115 15.18 9.49 -9.32
C PRO B 115 13.65 9.57 -9.41
N GLY B 116 12.98 9.72 -8.24
CA GLY B 116 11.54 9.86 -8.11
C GLY B 116 10.81 8.62 -7.60
N THR B 117 9.83 8.86 -6.71
CA THR B 117 8.96 7.81 -6.13
C THR B 117 7.53 8.02 -6.61
N VAL B 118 6.87 6.92 -7.03
CA VAL B 118 5.51 7.01 -7.55
C VAL B 118 4.48 6.95 -6.45
N VAL B 119 3.59 7.96 -6.42
CA VAL B 119 2.47 8.10 -5.50
C VAL B 119 1.21 8.12 -6.35
N THR B 120 0.29 7.20 -6.06
CA THR B 120 -0.94 7.02 -6.81
C THR B 120 -2.14 7.07 -5.87
N VAL B 121 -3.00 8.09 -6.04
CA VAL B 121 -4.20 8.27 -5.22
C VAL B 121 -5.42 7.70 -5.96
N SER B 122 -6.01 6.63 -5.40
CA SER B 122 -7.17 5.94 -5.94
C SER B 122 -8.45 6.75 -5.73
N PRO B 123 -9.35 6.82 -6.75
CA PRO B 123 -10.58 7.62 -6.59
C PRO B 123 -11.48 7.25 -5.42
N ALA B 124 -11.95 5.98 -5.35
CA ALA B 124 -12.86 5.53 -4.30
C ALA B 124 -12.19 5.41 -2.93
N SER B 125 -12.72 6.17 -1.98
CA SER B 125 -12.22 6.18 -0.62
C SER B 125 -12.67 4.91 0.10
N THR B 126 -13.68 4.18 -0.49
CA THR B 126 -14.31 2.93 0.01
C THR B 126 -14.59 1.85 -1.09
N LYS B 127 -14.77 0.56 -0.64
CA LYS B 127 -15.09 -0.65 -1.41
C LYS B 127 -16.14 -1.48 -0.65
N GLY B 128 -17.19 -1.88 -1.35
CA GLY B 128 -18.28 -2.70 -0.80
C GLY B 128 -17.92 -4.17 -0.80
N PRO B 129 -18.35 -4.95 0.24
CA PRO B 129 -18.00 -6.38 0.24
C PRO B 129 -18.81 -7.28 -0.69
N SER B 130 -18.41 -8.54 -0.65
CA SER B 130 -18.96 -9.68 -1.34
C SER B 130 -19.37 -10.65 -0.25
N VAL B 131 -20.60 -11.17 -0.36
CA VAL B 131 -21.17 -12.08 0.64
C VAL B 131 -21.37 -13.47 0.05
N PHE B 132 -20.73 -14.43 0.68
CA PHE B 132 -20.79 -15.83 0.30
C PHE B 132 -21.31 -16.65 1.42
N PRO B 133 -22.13 -17.66 1.09
CA PRO B 133 -22.69 -18.52 2.15
C PRO B 133 -21.73 -19.56 2.68
N LEU B 134 -21.80 -19.79 3.98
CA LEU B 134 -21.05 -20.86 4.61
C LEU B 134 -22.14 -21.89 4.92
N ALA B 135 -22.40 -22.78 3.93
CA ALA B 135 -23.45 -23.80 3.92
C ALA B 135 -23.17 -25.04 4.77
N PRO B 136 -24.22 -25.55 5.47
CA PRO B 136 -24.04 -26.78 6.28
C PRO B 136 -24.25 -28.10 5.52
N SER B 137 -23.79 -29.24 6.13
CA SER B 137 -23.90 -30.64 5.67
C SER B 137 -23.51 -31.67 6.75
N SER B 142 -25.37 -32.48 12.07
CA SER B 142 -24.03 -32.84 12.49
C SER B 142 -23.55 -31.99 13.71
N GLY B 143 -23.69 -32.48 14.95
CA GLY B 143 -24.31 -33.76 15.30
C GLY B 143 -25.80 -33.62 15.47
N GLY B 144 -26.18 -32.74 16.38
CA GLY B 144 -27.55 -32.34 16.67
C GLY B 144 -27.74 -30.86 16.36
N THR B 145 -26.65 -30.08 16.51
CA THR B 145 -26.56 -28.64 16.27
C THR B 145 -25.62 -28.42 15.07
N ALA B 146 -26.16 -27.89 13.98
CA ALA B 146 -25.41 -27.57 12.77
C ALA B 146 -24.98 -26.11 12.77
N ALA B 147 -23.90 -25.80 12.05
CA ALA B 147 -23.47 -24.41 11.93
C ALA B 147 -23.48 -23.94 10.47
N LEU B 148 -23.81 -22.67 10.28
CA LEU B 148 -23.83 -21.99 9.01
C LEU B 148 -23.27 -20.59 9.21
N GLY B 149 -22.95 -19.91 8.12
CA GLY B 149 -22.41 -18.57 8.23
C GLY B 149 -22.35 -17.78 6.95
N CYS B 150 -21.68 -16.63 7.04
CA CYS B 150 -21.49 -15.72 5.93
C CYS B 150 -20.06 -15.24 5.88
N LEU B 151 -19.47 -15.33 4.69
CA LEU B 151 -18.10 -14.85 4.47
C LEU B 151 -18.20 -13.47 3.81
N VAL B 152 -17.76 -12.45 4.51
CA VAL B 152 -17.80 -11.08 4.03
C VAL B 152 -16.37 -10.76 3.58
N LYS B 153 -16.15 -10.91 2.28
CA LYS B 153 -14.83 -10.79 1.68
C LYS B 153 -14.62 -9.59 0.79
N ASP B 154 -13.38 -9.05 0.83
CA ASP B 154 -12.89 -7.97 -0.01
C ASP B 154 -13.67 -6.64 0.06
N TYR B 155 -13.53 -5.93 1.20
CA TYR B 155 -14.15 -4.63 1.46
C TYR B 155 -13.15 -3.64 2.11
N PHE B 156 -13.42 -2.33 1.96
CA PHE B 156 -12.55 -1.30 2.54
C PHE B 156 -13.30 0.00 2.87
N PRO B 157 -13.16 0.53 4.10
CA PRO B 157 -12.38 0.04 5.23
C PRO B 157 -13.26 -0.68 6.26
N GLU B 158 -12.74 -0.83 7.49
CA GLU B 158 -13.45 -1.35 8.63
C GLU B 158 -14.42 -0.23 9.10
N PRO B 159 -15.61 -0.50 9.71
CA PRO B 159 -16.18 -1.79 10.10
C PRO B 159 -17.32 -2.33 9.21
N VAL B 160 -17.78 -3.55 9.52
CA VAL B 160 -18.93 -4.21 8.88
C VAL B 160 -19.70 -4.85 10.01
N THR B 161 -21.04 -4.66 10.02
CA THR B 161 -21.93 -5.24 11.03
C THR B 161 -22.78 -6.29 10.40
N VAL B 162 -22.94 -7.42 11.12
CA VAL B 162 -23.73 -8.57 10.69
C VAL B 162 -24.83 -8.88 11.71
N SER B 163 -26.06 -9.11 11.20
CA SER B 163 -27.24 -9.47 11.97
C SER B 163 -27.87 -10.75 11.38
N TRP B 164 -28.28 -11.69 12.23
CA TRP B 164 -28.85 -12.93 11.71
C TRP B 164 -30.34 -12.95 11.84
N ASN B 165 -31.03 -13.16 10.69
CA ASN B 165 -32.49 -13.14 10.56
C ASN B 165 -33.09 -11.79 11.01
N SER B 166 -32.45 -10.71 10.51
CA SER B 166 -32.76 -9.29 10.74
C SER B 166 -32.74 -8.84 12.21
N GLY B 167 -32.11 -9.65 13.06
CA GLY B 167 -31.97 -9.40 14.48
C GLY B 167 -32.63 -10.44 15.38
N ALA B 168 -33.49 -11.34 14.78
CA ALA B 168 -34.24 -12.39 15.50
C ALA B 168 -33.29 -13.38 16.14
N LEU B 169 -32.30 -13.84 15.35
CA LEU B 169 -31.25 -14.77 15.75
C LEU B 169 -30.03 -14.01 16.35
N THR B 170 -29.89 -14.08 17.68
CA THR B 170 -28.81 -13.42 18.40
C THR B 170 -27.98 -14.42 19.17
N SER B 171 -28.64 -15.43 19.77
CA SER B 171 -27.99 -16.47 20.54
C SER B 171 -27.32 -17.47 19.59
N GLY B 172 -26.04 -17.74 19.85
CA GLY B 172 -25.22 -18.65 19.06
C GLY B 172 -24.39 -17.97 17.99
N VAL B 173 -24.71 -16.69 17.67
CA VAL B 173 -24.05 -15.85 16.66
C VAL B 173 -22.65 -15.46 17.11
N HIS B 174 -21.69 -15.59 16.17
CA HIS B 174 -20.29 -15.21 16.34
C HIS B 174 -19.82 -14.45 15.09
N THR B 175 -19.50 -13.15 15.24
CA THR B 175 -18.96 -12.32 14.16
C THR B 175 -17.52 -12.04 14.55
N PHE B 176 -16.60 -12.61 13.75
CA PHE B 176 -15.16 -12.63 13.99
C PHE B 176 -14.41 -11.35 13.69
N PRO B 177 -13.27 -11.06 14.37
CA PRO B 177 -12.47 -9.89 14.00
C PRO B 177 -12.03 -9.97 12.54
N ALA B 178 -12.07 -8.84 11.83
CA ALA B 178 -11.70 -8.79 10.42
C ALA B 178 -10.23 -9.07 10.26
N VAL B 179 -9.84 -9.51 9.07
CA VAL B 179 -8.46 -9.86 8.77
C VAL B 179 -8.01 -9.15 7.51
N LEU B 180 -6.88 -8.46 7.59
CA LEU B 180 -6.33 -7.75 6.44
C LEU B 180 -5.56 -8.74 5.60
N GLN B 181 -5.93 -8.82 4.32
CA GLN B 181 -5.28 -9.74 3.40
C GLN B 181 -4.29 -9.03 2.48
N SER B 182 -3.45 -9.81 1.77
CA SER B 182 -2.40 -9.35 0.85
C SER B 182 -2.86 -8.37 -0.24
N SER B 183 -4.17 -8.34 -0.54
CA SER B 183 -4.75 -7.41 -1.51
C SER B 183 -5.01 -6.06 -0.85
N GLY B 184 -4.85 -6.00 0.46
CA GLY B 184 -5.12 -4.80 1.26
C GLY B 184 -6.61 -4.59 1.44
N LEU B 185 -7.34 -5.71 1.48
CA LEU B 185 -8.79 -5.76 1.66
C LEU B 185 -9.11 -6.56 2.92
N TYR B 186 -10.22 -6.20 3.57
CA TYR B 186 -10.63 -6.90 4.78
C TYR B 186 -11.59 -7.99 4.43
N SER B 187 -11.58 -9.02 5.27
CA SER B 187 -12.46 -10.15 5.13
C SER B 187 -12.75 -10.66 6.51
N LEU B 188 -14.00 -11.05 6.71
CA LEU B 188 -14.46 -11.58 7.98
C LEU B 188 -15.61 -12.55 7.76
N SER B 189 -15.86 -13.40 8.74
CA SER B 189 -16.92 -14.38 8.67
C SER B 189 -17.74 -14.34 9.94
N SER B 190 -19.06 -14.43 9.75
CA SER B 190 -20.03 -14.43 10.85
C SER B 190 -20.83 -15.72 10.76
N VAL B 191 -20.83 -16.48 11.86
CA VAL B 191 -21.48 -17.79 11.95
C VAL B 191 -22.49 -17.86 13.08
N VAL B 192 -23.34 -18.89 13.04
CA VAL B 192 -24.36 -19.17 14.05
C VAL B 192 -24.65 -20.68 14.11
N THR B 193 -24.69 -21.22 15.34
CA THR B 193 -25.02 -22.62 15.60
C THR B 193 -26.52 -22.76 15.78
N VAL B 194 -27.12 -23.60 14.93
CA VAL B 194 -28.57 -23.88 14.90
C VAL B 194 -28.86 -25.40 15.01
N PRO B 195 -29.97 -25.90 15.62
CA PRO B 195 -30.22 -27.35 15.59
C PRO B 195 -30.42 -27.83 14.15
N SER B 196 -29.74 -28.94 13.81
CA SER B 196 -29.73 -29.57 12.48
C SER B 196 -31.12 -29.89 11.95
N SER B 197 -32.05 -30.22 12.87
CA SER B 197 -33.46 -30.56 12.63
C SER B 197 -34.17 -29.39 11.96
N SER B 198 -34.03 -28.16 12.52
CA SER B 198 -34.66 -26.91 12.06
C SER B 198 -34.14 -26.42 10.69
N LEU B 199 -33.26 -27.19 10.03
CA LEU B 199 -32.71 -26.79 8.74
C LEU B 199 -33.66 -26.65 7.57
N GLY B 200 -34.40 -27.71 7.23
CA GLY B 200 -35.37 -27.68 6.14
C GLY B 200 -36.52 -26.70 6.37
N THR B 201 -37.03 -26.67 7.61
CA THR B 201 -38.14 -25.81 8.05
C THR B 201 -37.76 -24.32 8.09
N GLN B 202 -36.93 -23.92 9.09
CA GLN B 202 -36.48 -22.54 9.34
C GLN B 202 -35.61 -21.94 8.25
N THR B 203 -35.79 -20.65 7.99
CA THR B 203 -35.04 -19.90 6.97
C THR B 203 -34.05 -18.96 7.66
N TYR B 204 -32.79 -18.94 7.16
CA TYR B 204 -31.69 -18.13 7.72
C TYR B 204 -31.08 -17.14 6.72
N ILE B 205 -30.99 -15.86 7.13
CA ILE B 205 -30.41 -14.78 6.32
C ILE B 205 -29.47 -13.89 7.15
N CYS B 206 -28.22 -13.73 6.66
CA CYS B 206 -27.26 -12.84 7.31
C CYS B 206 -27.44 -11.42 6.73
N ASN B 207 -27.49 -10.43 7.63
CA ASN B 207 -27.69 -9.04 7.27
C ASN B 207 -26.35 -8.35 7.37
N VAL B 208 -25.77 -7.98 6.22
CA VAL B 208 -24.47 -7.35 6.15
C VAL B 208 -24.64 -5.85 5.93
N ASN B 209 -24.13 -5.06 6.89
CA ASN B 209 -24.19 -3.61 6.82
C ASN B 209 -22.80 -3.01 6.84
N HIS B 210 -22.42 -2.40 5.70
CA HIS B 210 -21.13 -1.72 5.54
C HIS B 210 -21.39 -0.22 5.43
N LYS B 211 -21.41 0.46 6.60
CA LYS B 211 -21.63 1.90 6.76
C LYS B 211 -20.72 2.76 5.83
N PRO B 212 -19.35 2.60 5.82
CA PRO B 212 -18.51 3.37 4.90
C PRO B 212 -19.00 3.55 3.46
N SER B 213 -19.48 2.47 2.82
CA SER B 213 -20.00 2.55 1.45
C SER B 213 -21.53 2.47 1.42
N ASN B 214 -22.18 2.44 2.62
CA ASN B 214 -23.62 2.28 2.82
C ASN B 214 -24.11 1.10 1.96
N THR B 215 -23.50 -0.08 2.19
CA THR B 215 -23.80 -1.31 1.49
C THR B 215 -24.56 -2.22 2.45
N LYS B 216 -25.80 -2.56 2.08
CA LYS B 216 -26.66 -3.43 2.85
C LYS B 216 -26.98 -4.64 1.99
N VAL B 217 -26.40 -5.81 2.36
CA VAL B 217 -26.56 -7.07 1.64
C VAL B 217 -27.22 -8.14 2.52
N ASP B 218 -28.14 -8.91 1.91
CA ASP B 218 -28.84 -10.00 2.58
C ASP B 218 -28.71 -11.32 1.83
N LYS B 219 -28.15 -12.35 2.50
CA LYS B 219 -27.91 -13.66 1.88
C LYS B 219 -28.59 -14.81 2.60
N LYS B 220 -29.31 -15.67 1.84
CA LYS B 220 -29.91 -16.85 2.43
C LYS B 220 -28.93 -18.01 2.38
N VAL B 221 -28.77 -18.66 3.53
CA VAL B 221 -27.87 -19.79 3.68
C VAL B 221 -28.72 -21.08 3.71
N GLU B 222 -28.59 -21.92 2.67
CA GLU B 222 -29.28 -23.21 2.57
C GLU B 222 -28.24 -24.34 2.40
N PRO B 223 -28.54 -25.64 2.68
CA PRO B 223 -27.47 -26.66 2.57
C PRO B 223 -27.17 -27.11 1.13
N LYS B 224 -28.14 -26.93 0.20
CA LYS B 224 -28.09 -27.25 -1.24
C LYS B 224 -27.92 -28.74 -1.56
N ALA C 1 21.13 -5.27 27.34
CA ALA C 1 21.12 -6.73 27.54
C ALA C 1 20.19 -7.21 28.69
N VAL C 2 19.29 -6.33 29.16
CA VAL C 2 18.32 -6.61 30.22
C VAL C 2 17.15 -7.43 29.63
N VAL C 3 16.87 -8.61 30.20
CA VAL C 3 15.78 -9.49 29.75
C VAL C 3 14.68 -9.46 30.81
N MET C 4 13.44 -9.16 30.38
CA MET C 4 12.26 -9.07 31.24
C MET C 4 11.35 -10.27 31.04
N THR C 5 11.04 -10.99 32.13
CA THR C 5 10.23 -12.19 32.08
C THR C 5 8.99 -12.09 33.00
N GLN C 6 7.81 -11.96 32.40
CA GLN C 6 6.56 -11.89 33.13
C GLN C 6 6.00 -13.29 33.42
N SER C 7 5.26 -13.44 34.52
CA SER C 7 4.66 -14.71 34.92
C SER C 7 3.38 -14.53 35.75
N PRO C 8 2.26 -15.17 35.36
CA PRO C 8 2.07 -16.03 34.18
C PRO C 8 1.80 -15.26 32.89
N SER C 9 1.86 -15.93 31.74
CA SER C 9 1.58 -15.34 30.43
C SER C 9 0.06 -15.10 30.30
N THR C 10 -0.73 -15.96 30.97
CA THR C 10 -2.19 -15.91 31.06
C THR C 10 -2.61 -16.22 32.50
N LEU C 11 -3.44 -15.33 33.06
CA LEU C 11 -3.94 -15.43 34.42
C LEU C 11 -5.46 -15.53 34.39
N SER C 12 -5.97 -16.74 34.76
CA SER C 12 -7.40 -17.03 34.84
C SER C 12 -7.84 -16.69 36.24
N ALA C 13 -8.80 -15.80 36.34
CA ALA C 13 -9.30 -15.35 37.62
C ALA C 13 -10.74 -14.91 37.50
N SER C 14 -11.41 -14.88 38.65
CA SER C 14 -12.80 -14.46 38.78
C SER C 14 -12.86 -13.03 39.31
N VAL C 15 -14.02 -12.40 39.22
CA VAL C 15 -14.24 -11.05 39.74
C VAL C 15 -14.17 -11.09 41.29
N GLY C 16 -13.62 -10.01 41.87
CA GLY C 16 -13.48 -9.91 43.32
C GLY C 16 -12.19 -10.50 43.86
N ASP C 17 -11.49 -11.31 43.03
CA ASP C 17 -10.23 -11.97 43.36
C ASP C 17 -9.06 -11.01 43.57
N THR C 18 -8.10 -11.47 44.34
CA THR C 18 -6.86 -10.74 44.60
C THR C 18 -5.76 -11.54 43.88
N ILE C 19 -5.24 -10.96 42.78
CA ILE C 19 -4.25 -11.63 41.95
C ILE C 19 -2.93 -10.89 41.87
N THR C 20 -1.84 -11.66 41.65
CA THR C 20 -0.49 -11.13 41.56
C THR C 20 0.21 -11.57 40.28
N ILE C 21 0.78 -10.60 39.56
CA ILE C 21 1.53 -10.79 38.32
C ILE C 21 3.00 -10.55 38.66
N THR C 22 3.84 -11.57 38.43
CA THR C 22 5.28 -11.49 38.68
C THR C 22 6.10 -11.09 37.47
N CYS C 23 7.01 -10.15 37.66
CA CYS C 23 7.91 -9.68 36.61
C CYS C 23 9.35 -9.86 37.11
N ARG C 24 10.20 -10.49 36.27
CA ARG C 24 11.61 -10.76 36.56
C ARG C 24 12.58 -10.13 35.58
N ALA C 25 13.60 -9.46 36.14
CA ALA C 25 14.70 -8.83 35.43
C ALA C 25 15.92 -9.75 35.43
N SER C 26 16.59 -9.88 34.27
CA SER C 26 17.80 -10.70 34.07
C SER C 26 18.97 -10.28 34.97
N GLN C 27 19.08 -8.97 35.24
CA GLN C 27 20.09 -8.32 36.07
C GLN C 27 19.40 -7.18 36.88
N SER C 28 20.05 -6.66 37.95
CA SER C 28 19.45 -5.58 38.76
C SER C 28 19.09 -4.33 37.96
N ILE C 29 17.83 -3.91 38.10
CA ILE C 29 17.25 -2.75 37.41
C ILE C 29 16.72 -1.76 38.46
N GLU C 30 17.19 -1.94 39.72
CA GLU C 30 16.87 -1.12 40.90
C GLU C 30 15.36 -1.05 41.01
N THR C 31 14.75 0.10 40.71
CA THR C 31 13.29 0.24 40.74
C THR C 31 12.79 0.91 39.45
N TRP C 32 13.61 0.87 38.39
CA TRP C 32 13.28 1.45 37.09
C TRP C 32 12.33 0.55 36.30
N LEU C 33 11.19 0.23 36.93
CA LEU C 33 10.13 -0.59 36.38
C LEU C 33 8.80 0.15 36.35
N ALA C 34 8.02 -0.08 35.26
CA ALA C 34 6.71 0.49 35.03
C ALA C 34 5.71 -0.58 34.58
N TRP C 35 4.51 -0.54 35.16
CA TRP C 35 3.41 -1.44 34.83
C TRP C 35 2.43 -0.68 33.96
N TYR C 36 1.91 -1.34 32.92
CA TYR C 36 0.95 -0.75 31.99
C TYR C 36 -0.25 -1.65 31.81
N GLN C 37 -1.43 -1.04 31.61
CA GLN C 37 -2.65 -1.74 31.29
C GLN C 37 -2.92 -1.53 29.80
N GLN C 38 -3.22 -2.60 29.06
CA GLN C 38 -3.57 -2.49 27.64
C GLN C 38 -4.77 -3.35 27.26
N LYS C 39 -5.82 -2.67 26.78
CA LYS C 39 -7.03 -3.33 26.35
C LYS C 39 -7.04 -3.44 24.81
N PRO C 40 -7.57 -4.58 24.25
CA PRO C 40 -7.60 -4.76 22.78
C PRO C 40 -7.92 -3.52 21.94
N GLY C 41 -7.02 -3.20 21.01
CA GLY C 41 -7.15 -2.05 20.11
C GLY C 41 -6.66 -0.73 20.69
N LYS C 42 -7.02 -0.46 21.95
CA LYS C 42 -6.67 0.76 22.67
C LYS C 42 -5.16 0.82 22.99
N ALA C 43 -4.65 2.04 23.20
CA ALA C 43 -3.24 2.28 23.50
C ALA C 43 -2.88 1.95 24.98
N PRO C 44 -1.61 1.53 25.28
CA PRO C 44 -1.26 1.23 26.68
C PRO C 44 -1.40 2.42 27.61
N LYS C 45 -1.91 2.17 28.82
CA LYS C 45 -2.12 3.17 29.87
C LYS C 45 -1.21 2.86 31.05
N LEU C 46 -0.34 3.81 31.40
CA LEU C 46 0.60 3.70 32.50
C LEU C 46 -0.09 3.65 33.86
N LEU C 47 0.12 2.58 34.63
CA LEU C 47 -0.46 2.42 35.96
C LEU C 47 0.56 2.78 37.07
N ILE C 48 1.67 2.04 37.10
CA ILE C 48 2.72 2.22 38.11
C ILE C 48 4.07 2.44 37.46
N TYR C 49 4.90 3.26 38.10
CA TYR C 49 6.28 3.53 37.72
C TYR C 49 7.11 3.52 39.01
N LYS C 50 8.46 3.62 38.89
CA LYS C 50 9.38 3.58 40.03
C LYS C 50 9.01 2.42 40.98
N ALA C 51 8.62 1.30 40.33
CA ALA C 51 8.21 0.00 40.88
C ALA C 51 6.96 -0.01 41.75
N SER C 52 6.66 1.10 42.46
CA SER C 52 5.51 1.23 43.37
C SER C 52 4.76 2.54 43.23
N THR C 53 5.35 3.58 42.60
CA THR C 53 4.65 4.87 42.44
C THR C 53 3.48 4.72 41.47
N LEU C 54 2.28 4.78 42.05
CA LEU C 54 1.01 4.67 41.35
C LEU C 54 0.68 6.01 40.75
N LYS C 55 0.46 6.06 39.42
CA LYS C 55 0.09 7.28 38.68
C LYS C 55 -1.26 7.83 39.20
N THR C 56 -1.44 9.15 39.12
CA THR C 56 -2.65 9.85 39.58
C THR C 56 -3.86 9.44 38.73
N GLY C 57 -4.90 8.93 39.40
CA GLY C 57 -6.12 8.48 38.74
C GLY C 57 -6.27 6.97 38.71
N VAL C 58 -5.16 6.25 38.88
CA VAL C 58 -5.13 4.79 38.92
C VAL C 58 -5.81 4.32 40.22
N PRO C 59 -6.77 3.36 40.17
CA PRO C 59 -7.44 2.91 41.40
C PRO C 59 -6.50 2.39 42.49
N SER C 60 -6.94 2.51 43.75
CA SER C 60 -6.18 2.05 44.92
C SER C 60 -6.02 0.52 44.95
N ARG C 61 -6.89 -0.22 44.18
CA ARG C 61 -6.86 -1.68 44.09
C ARG C 61 -5.58 -2.21 43.42
N PHE C 62 -4.90 -1.34 42.66
CA PHE C 62 -3.63 -1.65 42.00
C PHE C 62 -2.48 -1.41 42.98
N SER C 63 -1.47 -2.30 42.94
CA SER C 63 -0.32 -2.24 43.82
C SER C 63 0.98 -2.65 43.13
N GLY C 64 2.01 -1.86 43.39
CA GLY C 64 3.37 -2.11 42.89
C GLY C 64 4.32 -2.39 44.04
N SER C 65 5.27 -3.31 43.81
CA SER C 65 6.27 -3.73 44.78
C SER C 65 7.43 -4.43 44.10
N GLY C 66 8.57 -4.48 44.78
CA GLY C 66 9.79 -5.12 44.30
C GLY C 66 10.94 -4.16 44.10
N SER C 67 12.14 -4.72 43.84
CA SER C 67 13.42 -4.01 43.61
C SER C 67 14.49 -4.97 43.06
N GLY C 68 15.41 -4.43 42.27
CA GLY C 68 16.50 -5.16 41.65
C GLY C 68 16.08 -6.09 40.52
N THR C 69 15.64 -7.31 40.88
CA THR C 69 15.25 -8.38 39.94
C THR C 69 13.77 -8.83 40.02
N GLU C 70 13.21 -8.91 41.22
CA GLU C 70 11.82 -9.38 41.39
C GLU C 70 10.83 -8.26 41.59
N PHE C 71 9.80 -8.22 40.74
CA PHE C 71 8.78 -7.19 40.78
C PHE C 71 7.40 -7.82 40.84
N THR C 72 6.41 -7.09 41.39
CA THR C 72 5.06 -7.61 41.58
C THR C 72 3.94 -6.60 41.39
N LEU C 73 2.98 -6.95 40.52
CA LEU C 73 1.76 -6.17 40.30
C LEU C 73 0.66 -6.92 40.99
N THR C 74 -0.08 -6.22 41.85
CA THR C 74 -1.15 -6.80 42.64
C THR C 74 -2.44 -6.05 42.41
N ILE C 75 -3.46 -6.79 41.98
CA ILE C 75 -4.80 -6.25 41.84
C ILE C 75 -5.65 -6.95 42.91
N SER C 76 -6.11 -6.18 43.89
CA SER C 76 -6.91 -6.66 45.02
C SER C 76 -8.38 -6.34 44.75
N GLY C 77 -9.20 -7.39 44.61
CA GLY C 77 -10.61 -7.24 44.30
C GLY C 77 -10.78 -6.82 42.87
N LEU C 78 -10.64 -7.80 41.96
CA LEU C 78 -10.75 -7.62 40.50
C LEU C 78 -12.08 -7.10 40.08
N GLN C 79 -12.07 -6.32 39.02
CA GLN C 79 -13.27 -5.77 38.45
C GLN C 79 -13.34 -6.19 37.00
N PHE C 80 -14.54 -6.16 36.39
CA PHE C 80 -14.74 -6.51 35.00
C PHE C 80 -13.86 -5.62 34.09
N ASP C 81 -13.64 -4.36 34.51
CA ASP C 81 -12.80 -3.40 33.81
C ASP C 81 -11.31 -3.81 33.82
N ASP C 82 -10.87 -4.47 34.91
CA ASP C 82 -9.48 -4.91 35.06
C ASP C 82 -9.06 -6.06 34.13
N PHE C 83 -10.02 -6.69 33.43
CA PHE C 83 -9.74 -7.77 32.46
C PHE C 83 -9.11 -7.20 31.19
N ALA C 84 -7.76 -7.35 31.10
CA ALA C 84 -6.92 -6.86 29.99
C ALA C 84 -5.53 -7.52 30.04
N THR C 85 -4.57 -6.95 29.27
CA THR C 85 -3.18 -7.37 29.26
C THR C 85 -2.35 -6.40 30.14
N TYR C 86 -1.35 -6.97 30.83
CA TYR C 86 -0.45 -6.21 31.69
C TYR C 86 0.99 -6.43 31.26
N HIS C 87 1.68 -5.31 30.95
CA HIS C 87 3.05 -5.31 30.47
C HIS C 87 3.97 -4.68 31.48
N CYS C 88 5.01 -5.41 31.88
CA CYS C 88 6.00 -4.86 32.80
C CYS C 88 7.12 -4.29 31.95
N GLN C 89 7.71 -3.17 32.38
CA GLN C 89 8.71 -2.50 31.56
C GLN C 89 9.90 -1.97 32.34
N HIS C 90 11.11 -2.28 31.87
CA HIS C 90 12.32 -1.70 32.42
C HIS C 90 12.58 -0.43 31.59
N TYR C 91 12.48 0.74 32.22
CA TYR C 91 12.70 1.99 31.50
C TYR C 91 14.05 2.60 31.84
N ALA C 92 14.96 2.56 30.88
CA ALA C 92 16.30 3.16 30.96
C ALA C 92 16.23 4.54 30.30
N GLY C 93 17.28 5.34 30.47
CA GLY C 93 17.35 6.69 29.92
C GLY C 93 17.00 6.84 28.46
N TYR C 94 17.63 6.04 27.58
CA TYR C 94 17.44 6.12 26.14
C TYR C 94 16.98 4.80 25.50
N SER C 95 16.54 3.83 26.32
CA SER C 95 16.07 2.52 25.87
C SER C 95 15.00 1.99 26.83
N ALA C 96 14.40 0.84 26.50
CA ALA C 96 13.40 0.13 27.30
C ALA C 96 13.26 -1.30 26.83
N THR C 97 12.82 -2.19 27.74
CA THR C 97 12.52 -3.59 27.43
C THR C 97 11.24 -3.92 28.15
N PHE C 98 10.30 -4.58 27.45
CA PHE C 98 9.02 -4.98 28.01
C PHE C 98 8.95 -6.46 28.34
N GLY C 99 7.97 -6.81 29.17
CA GLY C 99 7.64 -8.19 29.50
C GLY C 99 6.83 -8.74 28.33
N GLN C 100 6.62 -10.08 28.30
CA GLN C 100 5.86 -10.66 27.17
C GLN C 100 4.36 -10.33 27.25
N GLY C 101 3.93 -9.87 28.41
CA GLY C 101 2.56 -9.53 28.63
C GLY C 101 1.89 -10.62 29.45
N THR C 102 0.83 -10.22 30.14
CA THR C 102 0.01 -11.09 30.96
C THR C 102 -1.42 -10.83 30.59
N ARG C 103 -2.09 -11.84 30.04
CA ARG C 103 -3.48 -11.67 29.70
C ARG C 103 -4.29 -12.18 30.89
N VAL C 104 -4.95 -11.23 31.57
CA VAL C 104 -5.83 -11.49 32.72
C VAL C 104 -7.24 -11.63 32.13
N GLU C 105 -7.78 -12.86 32.23
CA GLU C 105 -9.08 -13.29 31.69
C GLU C 105 -9.92 -13.98 32.75
N ILE C 106 -11.19 -14.24 32.42
CA ILE C 106 -12.14 -14.88 33.33
C ILE C 106 -11.93 -16.39 33.38
N LYS C 107 -11.79 -16.93 34.58
CA LYS C 107 -11.65 -18.36 34.77
C LYS C 107 -13.02 -19.05 34.57
N ARG C 108 -12.99 -20.20 33.90
CA ARG C 108 -14.11 -21.12 33.67
C ARG C 108 -13.52 -22.51 33.42
N THR C 109 -14.36 -23.52 33.19
CA THR C 109 -13.81 -24.87 33.01
C THR C 109 -13.38 -25.15 31.58
N VAL C 110 -12.47 -26.12 31.40
CA VAL C 110 -12.03 -26.54 30.07
C VAL C 110 -13.25 -26.97 29.25
N ALA C 111 -13.38 -26.42 28.05
CA ALA C 111 -14.48 -26.71 27.13
C ALA C 111 -13.92 -26.97 25.76
N ALA C 112 -14.16 -28.19 25.24
CA ALA C 112 -13.72 -28.61 23.92
C ALA C 112 -14.48 -27.87 22.83
N PRO C 113 -13.83 -27.49 21.70
CA PRO C 113 -14.57 -26.81 20.63
C PRO C 113 -15.46 -27.73 19.80
N SER C 114 -16.41 -27.12 19.13
CA SER C 114 -17.29 -27.76 18.17
C SER C 114 -16.66 -27.29 16.85
N VAL C 115 -16.11 -28.24 16.07
CA VAL C 115 -15.43 -27.95 14.79
C VAL C 115 -16.35 -28.13 13.59
N PHE C 116 -16.37 -27.15 12.69
CA PHE C 116 -17.19 -27.14 11.48
C PHE C 116 -16.33 -26.70 10.32
N ILE C 117 -16.42 -27.41 9.19
CA ILE C 117 -15.67 -27.10 7.97
C ILE C 117 -16.66 -26.63 6.91
N PHE C 118 -16.31 -25.56 6.17
CA PHE C 118 -17.15 -25.02 5.10
C PHE C 118 -16.43 -25.00 3.80
N PRO C 119 -16.98 -25.71 2.79
CA PRO C 119 -16.38 -25.66 1.45
C PRO C 119 -16.63 -24.29 0.80
N PRO C 120 -15.83 -23.86 -0.19
CA PRO C 120 -16.12 -22.57 -0.82
C PRO C 120 -17.41 -22.64 -1.63
N SER C 121 -18.22 -21.57 -1.53
CA SER C 121 -19.47 -21.40 -2.27
C SER C 121 -19.19 -21.40 -3.79
N ASP C 122 -20.05 -22.09 -4.59
CA ASP C 122 -19.94 -22.17 -6.04
C ASP C 122 -19.87 -20.78 -6.68
N GLU C 123 -20.60 -19.80 -6.09
CA GLU C 123 -20.63 -18.40 -6.49
C GLU C 123 -19.19 -17.87 -6.51
N GLN C 124 -18.46 -18.01 -5.39
CA GLN C 124 -17.07 -17.58 -5.26
C GLN C 124 -16.15 -18.34 -6.21
N LEU C 125 -16.40 -19.63 -6.40
CA LEU C 125 -15.61 -20.48 -7.29
C LEU C 125 -15.61 -19.96 -8.71
N LYS C 126 -16.78 -19.48 -9.18
CA LYS C 126 -16.96 -18.91 -10.51
C LYS C 126 -16.15 -17.64 -10.70
N SER C 127 -15.95 -16.86 -9.61
CA SER C 127 -15.18 -15.61 -9.56
C SER C 127 -13.64 -15.80 -9.51
N GLY C 128 -13.17 -17.04 -9.65
CA GLY C 128 -11.74 -17.38 -9.66
C GLY C 128 -11.05 -17.56 -8.33
N THR C 129 -11.80 -17.63 -7.20
CA THR C 129 -11.22 -17.80 -5.87
C THR C 129 -11.93 -18.90 -5.07
N ALA C 130 -11.21 -19.52 -4.11
CA ALA C 130 -11.76 -20.55 -3.23
C ALA C 130 -11.37 -20.28 -1.77
N SER C 131 -12.38 -19.97 -0.94
CA SER C 131 -12.16 -19.75 0.48
C SER C 131 -12.75 -20.90 1.35
N VAL C 132 -11.85 -21.73 1.87
CA VAL C 132 -12.19 -22.86 2.75
C VAL C 132 -12.10 -22.38 4.20
N VAL C 133 -13.21 -22.50 4.94
CA VAL C 133 -13.33 -22.00 6.32
C VAL C 133 -13.47 -23.11 7.37
N CYS C 134 -12.73 -22.97 8.47
CA CYS C 134 -12.84 -23.88 9.62
C CYS C 134 -13.31 -23.14 10.83
N LEU C 135 -14.28 -23.70 11.52
CA LEU C 135 -14.79 -23.04 12.70
C LEU C 135 -14.50 -23.89 13.93
N LEU C 136 -14.07 -23.23 15.01
CA LEU C 136 -13.80 -23.81 16.33
C LEU C 136 -14.73 -23.02 17.21
N ASN C 137 -15.84 -23.67 17.61
CA ASN C 137 -16.90 -23.02 18.34
C ASN C 137 -16.89 -23.24 19.85
N ASN C 138 -17.06 -22.12 20.60
CA ASN C 138 -17.15 -22.05 22.06
C ASN C 138 -16.19 -23.01 22.81
N PHE C 139 -14.89 -22.67 22.83
CA PHE C 139 -13.85 -23.46 23.47
C PHE C 139 -13.10 -22.72 24.59
N TYR C 140 -12.52 -23.47 25.53
CA TYR C 140 -11.74 -22.91 26.63
C TYR C 140 -10.63 -23.85 27.12
N PRO C 141 -9.37 -23.36 27.33
CA PRO C 141 -8.89 -21.98 27.14
C PRO C 141 -8.65 -21.56 25.68
N ARG C 142 -8.15 -20.32 25.49
CA ARG C 142 -7.86 -19.69 24.21
C ARG C 142 -6.90 -20.48 23.34
N GLU C 143 -5.89 -21.16 23.93
CA GLU C 143 -4.86 -21.90 23.18
C GLU C 143 -5.41 -23.07 22.38
N ALA C 144 -5.41 -22.90 21.05
CA ALA C 144 -5.93 -23.89 20.10
C ALA C 144 -5.11 -23.90 18.81
N LYS C 145 -4.83 -25.12 18.31
CA LYS C 145 -4.04 -25.29 17.10
C LYS C 145 -4.91 -25.81 15.95
N VAL C 146 -4.80 -25.15 14.80
CA VAL C 146 -5.52 -25.50 13.57
C VAL C 146 -4.49 -25.81 12.49
N GLN C 147 -4.66 -26.93 11.82
CA GLN C 147 -3.78 -27.30 10.71
C GLN C 147 -4.59 -27.67 9.45
N TRP C 148 -4.21 -27.08 8.28
CA TRP C 148 -4.88 -27.38 7.02
C TRP C 148 -4.10 -28.48 6.28
N LYS C 149 -4.80 -29.57 5.90
CA LYS C 149 -4.21 -30.72 5.24
C LYS C 149 -4.91 -31.03 3.91
N VAL C 150 -4.46 -30.38 2.84
CA VAL C 150 -4.98 -30.60 1.49
C VAL C 150 -4.37 -31.87 0.89
N ASP C 151 -5.20 -32.92 0.66
CA ASP C 151 -4.79 -34.25 0.15
C ASP C 151 -3.67 -34.81 1.04
N ASN C 152 -3.82 -34.63 2.38
CA ASN C 152 -2.89 -34.95 3.45
C ASN C 152 -1.70 -33.99 3.60
N ALA C 153 -1.42 -33.16 2.57
CA ALA C 153 -0.32 -32.21 2.60
C ALA C 153 -0.61 -31.05 3.51
N LEU C 154 0.20 -30.88 4.58
CA LEU C 154 0.01 -29.76 5.50
C LEU C 154 0.30 -28.45 4.79
N GLN C 155 -0.51 -27.43 5.07
CA GLN C 155 -0.44 -26.10 4.45
C GLN C 155 0.14 -25.06 5.40
N SER C 156 0.76 -24.02 4.83
CA SER C 156 1.37 -22.88 5.53
C SER C 156 1.48 -21.69 4.59
N GLY C 157 1.06 -20.53 5.09
CA GLY C 157 1.09 -19.26 4.37
C GLY C 157 -0.06 -18.97 3.44
N ASN C 158 -1.16 -19.75 3.54
CA ASN C 158 -2.39 -19.63 2.75
C ASN C 158 -3.60 -19.43 3.68
N SER C 159 -3.39 -19.79 4.96
CA SER C 159 -4.38 -19.67 6.03
C SER C 159 -4.24 -18.39 6.84
N GLN C 160 -5.37 -17.87 7.31
CA GLN C 160 -5.48 -16.72 8.18
C GLN C 160 -6.60 -16.98 9.16
N GLU C 161 -6.27 -16.85 10.47
CA GLU C 161 -7.23 -17.04 11.55
C GLU C 161 -7.46 -15.81 12.36
N SER C 162 -8.65 -15.70 12.98
CA SER C 162 -9.05 -14.63 13.90
C SER C 162 -9.88 -15.21 15.04
N VAL C 163 -9.65 -14.69 16.27
CA VAL C 163 -10.27 -15.17 17.50
C VAL C 163 -11.13 -14.09 18.13
N THR C 164 -12.34 -14.47 18.56
CA THR C 164 -13.24 -13.57 19.26
C THR C 164 -12.77 -13.37 20.71
N GLU C 165 -13.27 -12.29 21.35
CA GLU C 165 -13.00 -11.98 22.74
C GLU C 165 -13.74 -13.01 23.59
N GLN C 166 -13.38 -13.11 24.88
CA GLN C 166 -14.03 -14.02 25.82
C GLN C 166 -15.52 -13.70 25.87
N ASP C 167 -16.39 -14.71 25.72
CA ASP C 167 -17.85 -14.52 25.69
C ASP C 167 -18.41 -13.88 26.96
N SER C 168 -19.33 -12.92 26.75
CA SER C 168 -20.04 -12.14 27.78
C SER C 168 -20.63 -13.03 28.88
N LYS C 169 -21.38 -14.08 28.49
CA LYS C 169 -22.03 -15.02 29.41
C LYS C 169 -21.29 -16.35 29.66
N ASP C 170 -20.96 -17.11 28.58
CA ASP C 170 -20.31 -18.41 28.70
C ASP C 170 -18.81 -18.44 28.95
N SER C 171 -18.11 -17.29 28.79
CA SER C 171 -16.67 -17.15 29.02
C SER C 171 -15.74 -18.01 28.14
N THR C 172 -16.21 -18.41 26.94
CA THR C 172 -15.42 -19.19 25.98
C THR C 172 -14.98 -18.33 24.79
N TYR C 173 -14.11 -18.92 23.94
CA TYR C 173 -13.54 -18.30 22.75
C TYR C 173 -14.04 -18.98 21.49
N SER C 174 -13.90 -18.28 20.37
CA SER C 174 -14.23 -18.84 19.05
C SER C 174 -13.14 -18.44 18.08
N LEU C 175 -12.69 -19.38 17.26
CA LEU C 175 -11.65 -19.15 16.27
C LEU C 175 -12.21 -19.50 14.90
N SER C 176 -11.83 -18.74 13.88
CA SER C 176 -12.19 -19.04 12.51
C SER C 176 -10.95 -18.90 11.63
N SER C 177 -10.51 -20.02 11.02
CA SER C 177 -9.37 -20.02 10.12
C SER C 177 -9.83 -20.19 8.66
N THR C 178 -9.34 -19.30 7.76
CA THR C 178 -9.69 -19.31 6.34
C THR C 178 -8.52 -19.62 5.42
N LEU C 179 -8.59 -20.80 4.79
CA LEU C 179 -7.64 -21.24 3.78
C LEU C 179 -8.08 -20.58 2.44
N THR C 180 -7.17 -19.86 1.79
CA THR C 180 -7.49 -19.15 0.54
C THR C 180 -6.63 -19.66 -0.60
N LEU C 181 -7.31 -20.18 -1.63
CA LEU C 181 -6.71 -20.74 -2.85
C LEU C 181 -7.30 -20.12 -4.10
N SER C 182 -6.58 -20.21 -5.22
CA SER C 182 -7.12 -19.77 -6.49
C SER C 182 -8.09 -20.86 -6.93
N LYS C 183 -9.00 -20.58 -7.89
CA LYS C 183 -9.94 -21.60 -8.39
C LYS C 183 -9.13 -22.76 -8.97
N ALA C 184 -8.06 -22.42 -9.75
CA ALA C 184 -7.11 -23.34 -10.37
C ALA C 184 -6.51 -24.28 -9.34
N ASP C 185 -5.81 -23.74 -8.29
CA ASP C 185 -5.19 -24.52 -7.21
C ASP C 185 -6.19 -25.46 -6.52
N TYR C 186 -7.37 -24.94 -6.16
CA TYR C 186 -8.44 -25.68 -5.51
C TYR C 186 -8.90 -26.90 -6.31
N GLU C 187 -8.97 -26.76 -7.64
CA GLU C 187 -9.43 -27.84 -8.52
C GLU C 187 -8.36 -28.90 -8.83
N LYS C 188 -7.12 -28.73 -8.31
CA LYS C 188 -6.02 -29.69 -8.46
C LYS C 188 -6.08 -30.75 -7.33
N HIS C 189 -6.88 -30.49 -6.28
CA HIS C 189 -6.97 -31.39 -5.14
C HIS C 189 -8.38 -31.85 -4.80
N LYS C 190 -8.47 -33.04 -4.17
CA LYS C 190 -9.73 -33.66 -3.79
C LYS C 190 -10.12 -33.40 -2.34
N VAL C 191 -9.29 -33.86 -1.40
CA VAL C 191 -9.65 -33.79 0.00
C VAL C 191 -9.05 -32.64 0.80
N TYR C 192 -9.97 -31.82 1.33
CA TYR C 192 -9.68 -30.67 2.15
C TYR C 192 -10.04 -30.98 3.58
N ALA C 193 -9.05 -30.94 4.46
CA ALA C 193 -9.22 -31.28 5.86
C ALA C 193 -8.67 -30.21 6.77
N CYS C 194 -9.26 -30.14 7.96
CA CYS C 194 -8.94 -29.19 8.99
C CYS C 194 -8.75 -29.97 10.31
N GLU C 195 -7.49 -30.08 10.81
CA GLU C 195 -7.15 -30.81 12.04
C GLU C 195 -7.01 -29.86 13.22
N VAL C 196 -7.85 -30.06 14.24
CA VAL C 196 -7.89 -29.18 15.40
C VAL C 196 -7.30 -29.79 16.67
N THR C 197 -6.29 -29.15 17.24
CA THR C 197 -5.66 -29.62 18.48
C THR C 197 -5.98 -28.66 19.63
N HIS C 198 -6.56 -29.20 20.71
CA HIS C 198 -6.97 -28.43 21.89
C HIS C 198 -6.89 -29.27 23.17
N GLN C 199 -6.71 -28.57 24.30
CA GLN C 199 -6.60 -29.10 25.67
C GLN C 199 -7.78 -29.98 26.14
N GLY C 200 -9.00 -29.65 25.72
CA GLY C 200 -10.23 -30.36 26.03
C GLY C 200 -10.58 -31.50 25.09
N LEU C 201 -9.64 -31.84 24.20
CA LEU C 201 -9.72 -32.90 23.20
C LEU C 201 -8.76 -34.00 23.60
N SER C 202 -9.27 -35.25 23.66
CA SER C 202 -8.44 -36.41 24.00
C SER C 202 -7.40 -36.69 22.92
N SER C 203 -7.80 -36.41 21.68
CA SER C 203 -7.02 -36.53 20.46
C SER C 203 -7.46 -35.41 19.51
N PRO C 204 -6.63 -34.98 18.53
CA PRO C 204 -7.09 -33.93 17.61
C PRO C 204 -8.26 -34.38 16.71
N VAL C 205 -9.24 -33.49 16.55
CA VAL C 205 -10.42 -33.69 15.72
C VAL C 205 -10.09 -33.22 14.29
N THR C 206 -10.37 -34.07 13.31
CA THR C 206 -10.14 -33.74 11.90
C THR C 206 -11.49 -33.68 11.18
N LYS C 207 -11.91 -32.47 10.79
CA LYS C 207 -13.14 -32.29 10.04
C LYS C 207 -12.77 -32.14 8.55
N SER C 208 -13.42 -32.94 7.70
CA SER C 208 -13.04 -33.04 6.29
C SER C 208 -14.20 -33.05 5.31
N PHE C 209 -13.88 -32.80 4.01
CA PHE C 209 -14.79 -32.81 2.87
C PHE C 209 -14.07 -33.09 1.57
N ASN C 210 -14.81 -33.61 0.60
CA ASN C 210 -14.27 -33.85 -0.75
C ASN C 210 -14.90 -32.89 -1.72
N ARG C 211 -14.02 -32.34 -2.59
CA ARG C 211 -14.35 -31.42 -3.67
C ARG C 211 -15.26 -32.20 -4.63
N GLY C 212 -16.48 -31.69 -4.78
CA GLY C 212 -17.52 -32.33 -5.57
C GLY C 212 -18.52 -32.98 -4.64
N GLU C 213 -18.21 -34.25 -4.22
CA GLU C 213 -18.99 -35.14 -3.34
C GLU C 213 -20.30 -34.62 -2.67
N GLU D 1 -5.18 15.19 28.89
CA GLU D 1 -5.34 16.18 27.82
C GLU D 1 -4.31 16.03 26.70
N VAL D 2 -3.03 15.74 27.08
CA VAL D 2 -1.89 15.53 26.20
C VAL D 2 -2.25 14.43 25.18
N GLN D 3 -2.09 14.70 23.88
CA GLN D 3 -2.38 13.73 22.83
C GLN D 3 -1.20 13.55 21.88
N LEU D 4 -1.14 12.37 21.22
CA LEU D 4 -0.14 11.95 20.23
C LEU D 4 -0.87 11.17 19.12
N VAL D 5 -0.55 11.45 17.84
CA VAL D 5 -1.19 10.78 16.69
C VAL D 5 -0.22 10.29 15.64
N GLU D 6 -0.13 8.95 15.52
CA GLU D 6 0.72 8.30 14.51
C GLU D 6 -0.07 8.24 13.20
N SER D 7 0.61 8.40 12.08
CA SER D 7 0.08 8.35 10.72
C SER D 7 1.05 7.60 9.82
N GLY D 8 0.52 7.03 8.75
CA GLY D 8 1.33 6.40 7.72
C GLY D 8 1.34 4.89 7.61
N GLY D 9 0.55 4.22 8.44
CA GLY D 9 0.47 2.76 8.42
C GLY D 9 -0.07 2.16 7.13
N GLY D 10 -0.15 0.84 7.09
CA GLY D 10 -0.64 0.12 5.92
C GLY D 10 0.08 -1.16 5.56
N LEU D 11 -0.22 -1.65 4.35
CA LEU D 11 0.31 -2.89 3.83
C LEU D 11 1.53 -2.65 2.96
N VAL D 12 2.58 -3.46 3.15
CA VAL D 12 3.86 -3.42 2.46
C VAL D 12 4.39 -4.83 2.19
N LYS D 13 5.04 -5.01 1.06
CA LYS D 13 5.65 -6.28 0.69
C LYS D 13 6.93 -6.44 1.50
N ALA D 14 7.39 -7.69 1.67
CA ALA D 14 8.66 -7.97 2.35
C ALA D 14 9.80 -7.38 1.51
N GLY D 15 10.71 -6.68 2.19
CA GLY D 15 11.85 -6.02 1.56
C GLY D 15 11.59 -4.56 1.23
N GLY D 16 10.32 -4.14 1.40
CA GLY D 16 9.87 -2.79 1.13
C GLY D 16 10.29 -1.75 2.14
N SER D 17 9.64 -0.59 2.05
CA SER D 17 9.87 0.58 2.90
C SER D 17 8.54 1.28 3.20
N LEU D 18 8.46 1.93 4.36
CA LEU D 18 7.30 2.69 4.82
C LEU D 18 7.77 3.64 5.93
N ILE D 19 7.28 4.87 5.88
CA ILE D 19 7.62 5.93 6.81
C ILE D 19 6.37 6.23 7.65
N LEU D 20 6.57 6.31 8.97
CA LEU D 20 5.54 6.64 9.94
C LEU D 20 5.86 7.99 10.53
N SER D 21 4.83 8.82 10.71
CA SER D 21 4.95 10.15 11.28
C SER D 21 4.13 10.20 12.54
N CYS D 22 4.62 10.95 13.53
CA CYS D 22 3.94 11.12 14.79
C CYS D 22 3.79 12.60 15.04
N GLY D 23 2.53 13.03 15.21
CA GLY D 23 2.11 14.40 15.48
C GLY D 23 1.51 14.52 16.85
N VAL D 24 1.64 15.70 17.51
CA VAL D 24 1.16 15.88 18.91
C VAL D 24 0.23 17.07 19.18
N SER D 25 -0.37 17.10 20.38
CA SER D 25 -1.24 18.17 20.84
C SER D 25 -1.04 18.43 22.33
N ASN D 26 -1.19 19.71 22.70
CA ASN D 26 -1.10 20.19 24.09
C ASN D 26 0.24 19.98 24.80
N PHE D 27 1.33 20.02 24.04
CA PHE D 27 2.72 19.95 24.51
C PHE D 27 3.70 20.07 23.35
N ARG D 28 4.93 20.49 23.65
CA ARG D 28 5.96 20.58 22.61
C ARG D 28 6.89 19.39 22.75
N ILE D 29 7.34 18.86 21.62
CA ILE D 29 8.23 17.69 21.51
C ILE D 29 9.63 17.98 22.03
N SER D 30 10.10 19.22 21.82
CA SER D 30 11.42 19.79 22.14
C SER D 30 12.22 19.17 23.28
N ALA D 31 11.63 19.16 24.51
CA ALA D 31 12.29 18.68 25.72
C ALA D 31 12.04 17.21 26.07
N HIS D 32 11.23 16.49 25.25
CA HIS D 32 10.92 15.09 25.51
C HIS D 32 11.72 14.11 24.69
N THR D 33 12.08 12.99 25.32
CA THR D 33 12.78 11.93 24.61
C THR D 33 11.66 11.14 23.92
N MET D 34 11.61 11.19 22.59
CA MET D 34 10.55 10.53 21.85
C MET D 34 10.89 9.10 21.49
N ASN D 35 9.90 8.20 21.61
CA ASN D 35 10.06 6.76 21.42
C ASN D 35 8.99 6.11 20.54
N TRP D 36 9.35 5.02 19.86
CA TRP D 36 8.39 4.21 19.12
C TRP D 36 8.38 2.82 19.74
N VAL D 37 7.17 2.23 19.88
CA VAL D 37 6.93 0.90 20.44
C VAL D 37 5.91 0.22 19.50
N ARG D 38 6.01 -1.10 19.38
CA ARG D 38 5.08 -1.84 18.56
C ARG D 38 4.43 -2.98 19.34
N ARG D 39 3.16 -3.31 19.01
CA ARG D 39 2.46 -4.42 19.60
C ARG D 39 2.37 -5.51 18.56
N VAL D 40 3.22 -6.52 18.72
CA VAL D 40 3.26 -7.69 17.85
C VAL D 40 2.01 -8.57 18.06
N PRO D 41 1.45 -9.22 16.99
CA PRO D 41 0.25 -10.07 17.15
C PRO D 41 0.22 -11.03 18.34
N GLY D 42 1.40 -11.57 18.70
CA GLY D 42 1.60 -12.42 19.87
C GLY D 42 1.05 -11.83 21.16
N GLY D 43 1.01 -10.49 21.23
CA GLY D 43 0.42 -9.76 22.35
C GLY D 43 1.29 -8.74 23.03
N GLY D 44 2.58 -9.03 23.10
CA GLY D 44 3.57 -8.21 23.78
C GLY D 44 3.97 -6.95 23.06
N LEU D 45 4.76 -6.11 23.77
CA LEU D 45 5.27 -4.86 23.25
C LEU D 45 6.76 -4.97 23.05
N GLU D 46 7.24 -4.38 21.95
CA GLU D 46 8.68 -4.37 21.66
C GLU D 46 9.07 -2.92 21.53
N TRP D 47 10.00 -2.46 22.38
CA TRP D 47 10.50 -1.09 22.27
C TRP D 47 11.21 -1.02 20.92
N VAL D 48 10.91 -0.02 20.10
CA VAL D 48 11.51 0.06 18.79
C VAL D 48 12.68 1.00 18.76
N ALA D 49 12.43 2.29 18.80
CA ALA D 49 13.46 3.31 18.69
C ALA D 49 13.30 4.32 19.78
N SER D 50 14.35 5.12 20.01
CA SER D 50 14.35 6.22 20.95
C SER D 50 15.14 7.36 20.34
N ILE D 51 14.64 8.59 20.47
CA ILE D 51 15.37 9.79 19.98
C ILE D 51 15.50 10.78 21.12
N SER D 52 16.75 11.06 21.52
CA SER D 52 17.02 11.96 22.63
C SER D 52 16.64 13.37 22.27
N THR D 53 16.64 14.23 23.29
CA THR D 53 16.32 15.65 23.19
C THR D 53 17.25 16.33 22.18
N SER D 54 16.65 16.99 21.18
CA SER D 54 17.33 17.63 20.04
C SER D 54 18.27 16.69 19.23
N SER D 55 17.84 15.40 19.03
CA SER D 55 18.46 14.32 18.24
C SER D 55 19.88 13.92 18.67
N THR D 56 20.27 14.24 19.93
CA THR D 56 21.62 13.97 20.43
C THR D 56 21.99 12.49 20.35
N TYR D 57 21.12 11.62 20.87
CA TYR D 57 21.32 10.17 20.90
C TYR D 57 20.12 9.44 20.24
N ARG D 58 20.40 8.44 19.38
CA ARG D 58 19.37 7.61 18.70
C ARG D 58 19.66 6.12 18.95
N ASP D 59 18.73 5.45 19.65
CA ASP D 59 18.83 4.05 20.03
C ASP D 59 17.78 3.22 19.34
N TYR D 60 18.15 2.01 18.92
CA TYR D 60 17.25 1.12 18.20
C TYR D 60 17.23 -0.28 18.81
N ALA D 61 16.12 -1.03 18.55
CA ALA D 61 15.98 -2.43 19.00
C ALA D 61 16.89 -3.21 18.07
N ASP D 62 17.56 -4.23 18.59
CA ASP D 62 18.53 -5.00 17.82
C ASP D 62 18.05 -5.45 16.44
N ALA D 63 16.84 -6.01 16.36
CA ALA D 63 16.23 -6.47 15.11
C ALA D 63 16.04 -5.34 14.08
N VAL D 64 15.55 -4.20 14.55
CA VAL D 64 15.28 -3.03 13.71
C VAL D 64 16.52 -2.18 13.40
N LYS D 65 17.65 -2.44 14.09
CA LYS D 65 18.89 -1.70 13.91
C LYS D 65 19.42 -1.83 12.50
N GLY D 66 19.84 -0.70 11.93
CA GLY D 66 20.37 -0.62 10.57
C GLY D 66 19.33 -0.77 9.48
N ARG D 67 18.03 -0.66 9.82
CA ARG D 67 16.92 -0.76 8.85
C ARG D 67 15.93 0.37 9.10
N PHE D 68 15.85 0.81 10.37
CA PHE D 68 14.94 1.85 10.82
C PHE D 68 15.72 3.11 11.18
N THR D 69 15.05 4.28 11.04
CA THR D 69 15.61 5.58 11.35
C THR D 69 14.59 6.47 12.06
N VAL D 70 14.96 6.89 13.28
CA VAL D 70 14.15 7.77 14.10
C VAL D 70 14.60 9.24 13.87
N SER D 71 13.63 10.15 13.74
CA SER D 71 13.91 11.56 13.44
C SER D 71 12.94 12.47 14.12
N ARG D 72 13.43 13.69 14.45
CA ARG D 72 12.60 14.66 15.12
C ARG D 72 12.56 16.03 14.44
N ASP D 73 11.38 16.67 14.49
CA ASP D 73 11.09 18.00 13.98
C ASP D 73 10.59 18.73 15.21
N ASP D 74 11.51 19.46 15.85
CA ASP D 74 11.22 20.19 17.07
C ASP D 74 10.32 21.42 16.80
N LEU D 75 10.60 22.15 15.69
CA LEU D 75 9.88 23.36 15.33
C LEU D 75 8.40 23.18 14.98
N GLU D 76 8.05 22.07 14.33
CA GLU D 76 6.65 21.75 13.98
C GLU D 76 6.14 20.54 14.76
N ASP D 77 6.85 20.12 15.83
CA ASP D 77 6.48 18.99 16.71
C ASP D 77 6.10 17.67 15.98
N PHE D 78 7.09 17.04 15.31
CA PHE D 78 6.92 15.80 14.58
C PHE D 78 8.02 14.82 14.85
N VAL D 79 7.66 13.53 14.89
CA VAL D 79 8.56 12.41 15.09
C VAL D 79 8.35 11.45 13.93
N TYR D 80 9.46 11.01 13.34
CA TYR D 80 9.45 10.12 12.20
C TYR D 80 10.15 8.79 12.45
N LEU D 81 9.65 7.76 11.78
CA LEU D 81 10.19 6.40 11.78
C LEU D 81 10.24 5.87 10.34
N GLN D 82 11.48 5.69 9.85
CA GLN D 82 11.78 5.17 8.51
C GLN D 82 11.95 3.70 8.67
N MET D 83 11.17 2.91 7.94
CA MET D 83 11.30 1.45 8.01
C MET D 83 11.65 0.93 6.64
N HIS D 84 12.84 0.30 6.53
CA HIS D 84 13.38 -0.24 5.29
C HIS D 84 13.67 -1.70 5.41
N LYS D 85 13.95 -2.36 4.26
CA LYS D 85 14.27 -3.79 4.16
C LYS D 85 13.34 -4.57 5.10
N MET D 86 12.07 -4.16 5.10
CA MET D 86 11.01 -4.63 5.97
C MET D 86 10.77 -6.13 6.02
N ARG D 87 10.78 -6.69 7.24
CA ARG D 87 10.58 -8.12 7.52
C ARG D 87 9.15 -8.40 7.97
N VAL D 88 8.64 -9.63 7.72
CA VAL D 88 7.30 -10.07 8.15
C VAL D 88 7.11 -9.86 9.66
N GLU D 89 8.14 -10.18 10.47
CA GLU D 89 8.16 -9.97 11.93
C GLU D 89 7.94 -8.50 12.34
N ASP D 90 8.15 -7.53 11.40
CA ASP D 90 7.89 -6.12 11.68
C ASP D 90 6.37 -5.79 11.71
N THR D 91 5.50 -6.78 11.39
CA THR D 91 4.04 -6.62 11.44
C THR D 91 3.66 -6.35 12.89
N ALA D 92 3.06 -5.17 13.14
CA ALA D 92 2.62 -4.74 14.47
C ALA D 92 1.82 -3.46 14.42
N ILE D 93 1.20 -3.08 15.56
CA ILE D 93 0.57 -1.76 15.72
C ILE D 93 1.73 -0.90 16.23
N TYR D 94 1.95 0.28 15.62
CA TYR D 94 3.05 1.14 16.07
C TYR D 94 2.52 2.33 16.79
N TYR D 95 3.03 2.53 18.02
CA TYR D 95 2.69 3.58 18.97
C TYR D 95 3.86 4.54 19.10
N CYS D 96 3.61 5.86 19.13
CA CYS D 96 4.71 6.76 19.44
C CYS D 96 4.45 7.22 20.87
N ALA D 97 5.48 7.19 21.72
CA ALA D 97 5.32 7.56 23.13
C ALA D 97 6.34 8.61 23.60
N ARG D 98 6.17 9.14 24.82
CA ARG D 98 7.11 10.12 25.38
C ARG D 98 7.52 9.76 26.78
N LYS D 99 8.80 9.99 27.13
CA LYS D 99 9.31 9.77 28.48
C LYS D 99 8.95 11.03 29.21
N GLY D 100 8.01 10.94 30.14
CA GLY D 100 7.55 12.14 30.84
C GLY D 100 7.08 11.97 32.26
N SER D 101 6.93 13.14 32.94
CA SER D 101 6.47 13.31 34.33
C SER D 101 6.04 14.77 34.57
N ASP D 102 5.56 15.09 35.78
CA ASP D 102 5.16 16.44 36.20
C ASP D 102 6.40 17.39 36.24
N ARG D 103 7.56 16.84 36.58
CA ARG D 103 8.88 17.48 36.54
C ARG D 103 9.72 16.47 35.77
N LEU D 104 10.21 16.86 34.59
CA LEU D 104 11.05 16.00 33.74
C LEU D 104 12.32 15.60 34.48
N SER D 105 12.62 14.31 34.50
CA SER D 105 13.81 13.78 35.17
C SER D 105 14.73 13.13 34.13
N ASP D 106 15.86 12.55 34.58
CA ASP D 106 16.83 11.88 33.71
C ASP D 106 16.36 10.49 33.26
N ASN D 107 15.25 9.97 33.83
CA ASN D 107 14.66 8.67 33.48
C ASN D 107 13.19 8.58 33.91
N ASP D 108 12.30 8.92 32.97
CA ASP D 108 10.85 8.91 33.21
C ASP D 108 10.13 7.83 32.41
N PRO D 109 8.97 7.31 32.88
CA PRO D 109 8.24 6.34 32.08
C PRO D 109 7.56 6.93 30.83
N PHE D 110 6.86 6.09 30.05
CA PHE D 110 6.14 6.52 28.86
C PHE D 110 4.75 6.93 29.32
N ASP D 111 4.64 8.17 29.86
CA ASP D 111 3.41 8.71 30.45
C ASP D 111 2.32 9.02 29.43
N ALA D 112 2.70 9.26 28.14
CA ALA D 112 1.76 9.52 27.03
C ALA D 112 2.05 8.67 25.80
N TRP D 113 0.99 8.16 25.14
CA TRP D 113 1.00 7.27 23.96
C TRP D 113 0.03 7.76 22.88
N GLY D 114 0.30 7.36 21.64
CA GLY D 114 -0.61 7.64 20.53
C GLY D 114 -1.62 6.50 20.45
N PRO D 115 -2.68 6.60 19.61
CA PRO D 115 -3.66 5.48 19.52
C PRO D 115 -3.11 4.22 18.81
N GLY D 116 -2.15 4.42 17.91
CA GLY D 116 -1.47 3.37 17.16
C GLY D 116 -1.86 3.26 15.70
N THR D 117 -0.86 3.02 14.83
CA THR D 117 -1.04 2.82 13.39
C THR D 117 -0.66 1.39 13.02
N VAL D 118 -1.49 0.73 12.18
CA VAL D 118 -1.24 -0.65 11.81
C VAL D 118 -0.32 -0.75 10.61
N VAL D 119 0.75 -1.55 10.77
CA VAL D 119 1.76 -1.86 9.75
C VAL D 119 1.72 -3.37 9.56
N THR D 120 1.52 -3.79 8.31
CA THR D 120 1.39 -5.20 7.95
C THR D 120 2.36 -5.53 6.82
N VAL D 121 3.32 -6.44 7.11
CA VAL D 121 4.33 -6.87 6.14
C VAL D 121 3.91 -8.19 5.53
N SER D 122 3.60 -8.17 4.21
CA SER D 122 3.18 -9.33 3.43
C SER D 122 4.35 -10.28 3.17
N PRO D 123 4.15 -11.62 3.28
CA PRO D 123 5.28 -12.55 3.07
C PRO D 123 5.93 -12.46 1.69
N ALA D 124 5.11 -12.53 0.63
CA ALA D 124 5.57 -12.48 -0.75
C ALA D 124 6.22 -11.13 -1.10
N SER D 125 7.47 -11.17 -1.59
CA SER D 125 8.22 -9.98 -1.99
C SER D 125 7.99 -9.67 -3.47
N THR D 126 7.80 -10.73 -4.28
CA THR D 126 7.60 -10.62 -5.72
C THR D 126 6.41 -11.46 -6.14
N LYS D 127 5.72 -11.01 -7.21
CA LYS D 127 4.54 -11.71 -7.73
C LYS D 127 4.77 -12.25 -9.12
N GLY D 128 4.05 -13.33 -9.39
CA GLY D 128 4.12 -14.05 -10.65
C GLY D 128 3.24 -13.47 -11.74
N PRO D 129 3.87 -13.02 -12.84
CA PRO D 129 3.09 -12.50 -13.98
C PRO D 129 2.32 -13.58 -14.72
N SER D 130 1.01 -13.40 -14.85
CA SER D 130 0.18 -14.34 -15.61
C SER D 130 0.20 -13.85 -17.07
N VAL D 131 0.59 -14.71 -18.02
CA VAL D 131 0.69 -14.33 -19.44
C VAL D 131 -0.50 -14.83 -20.25
N PHE D 132 -1.13 -13.93 -21.03
CA PHE D 132 -2.31 -14.24 -21.86
C PHE D 132 -2.16 -13.84 -23.31
N PRO D 133 -2.76 -14.63 -24.23
CA PRO D 133 -2.65 -14.28 -25.65
C PRO D 133 -3.63 -13.21 -26.12
N LEU D 134 -3.15 -12.35 -26.99
CA LEU D 134 -4.00 -11.37 -27.65
C LEU D 134 -4.08 -11.92 -29.08
N ALA D 135 -5.09 -12.79 -29.28
CA ALA D 135 -5.34 -13.54 -30.53
C ALA D 135 -5.97 -12.72 -31.67
N PRO D 136 -5.45 -12.90 -32.91
CA PRO D 136 -5.98 -12.13 -34.07
C PRO D 136 -7.38 -12.51 -34.61
N SER D 137 -7.80 -11.84 -35.72
CA SER D 137 -9.09 -12.01 -36.43
C SER D 137 -9.13 -13.32 -37.24
N GLY D 143 -6.69 -6.05 -43.22
CA GLY D 143 -6.59 -5.93 -44.67
C GLY D 143 -5.22 -6.30 -45.21
N GLY D 144 -4.90 -7.60 -45.15
CA GLY D 144 -3.62 -8.14 -45.61
C GLY D 144 -2.60 -8.18 -44.49
N THR D 145 -2.84 -7.37 -43.43
CA THR D 145 -2.04 -7.26 -42.22
C THR D 145 -2.95 -7.28 -40.98
N ALA D 146 -2.45 -7.83 -39.86
CA ALA D 146 -3.16 -7.94 -38.60
C ALA D 146 -2.20 -7.91 -37.41
N ALA D 147 -2.75 -7.89 -36.21
CA ALA D 147 -1.95 -7.80 -35.01
C ALA D 147 -2.31 -8.85 -33.99
N LEU D 148 -1.30 -9.26 -33.22
CA LEU D 148 -1.40 -10.20 -32.13
C LEU D 148 -0.51 -9.71 -30.99
N GLY D 149 -0.70 -10.24 -29.80
CA GLY D 149 0.08 -9.80 -28.66
C GLY D 149 0.03 -10.69 -27.45
N CYS D 150 0.68 -10.25 -26.39
CA CYS D 150 0.78 -10.97 -25.13
C CYS D 150 0.41 -10.06 -24.01
N LEU D 151 -0.61 -10.42 -23.25
CA LEU D 151 -0.97 -9.60 -22.11
C LEU D 151 -0.24 -10.16 -20.89
N VAL D 152 0.68 -9.39 -20.33
CA VAL D 152 1.45 -9.77 -19.14
C VAL D 152 0.74 -9.11 -17.97
N LYS D 153 0.10 -9.92 -17.13
CA LYS D 153 -0.75 -9.41 -16.07
C LYS D 153 -0.30 -9.69 -14.62
N ASP D 154 -1.15 -9.25 -13.70
CA ASP D 154 -1.10 -9.36 -12.26
C ASP D 154 0.20 -9.84 -11.60
N TYR D 155 1.19 -8.98 -11.70
CA TYR D 155 2.57 -9.31 -11.49
C TYR D 155 3.34 -8.14 -10.94
N PHE D 156 4.63 -8.34 -10.74
CA PHE D 156 5.38 -7.34 -10.08
C PHE D 156 6.77 -7.86 -9.81
N PRO D 157 7.72 -6.96 -9.63
CA PRO D 157 7.43 -5.54 -9.65
C PRO D 157 8.43 -4.95 -10.56
N GLU D 158 8.00 -4.11 -11.49
CA GLU D 158 8.94 -3.39 -12.31
C GLU D 158 10.30 -4.00 -12.19
N PRO D 159 10.80 -4.68 -13.21
CA PRO D 159 10.44 -4.46 -14.59
C PRO D 159 10.39 -5.74 -15.35
N VAL D 160 9.58 -5.80 -16.39
CA VAL D 160 9.47 -7.01 -17.17
C VAL D 160 9.97 -6.73 -18.57
N THR D 161 10.70 -7.68 -19.13
CA THR D 161 11.20 -7.54 -20.50
C THR D 161 10.49 -8.59 -21.34
N VAL D 162 10.20 -8.25 -22.60
CA VAL D 162 9.52 -9.13 -23.54
C VAL D 162 10.28 -9.08 -24.84
N SER D 163 10.36 -10.23 -25.53
CA SER D 163 10.95 -10.36 -26.86
C SER D 163 10.11 -11.38 -27.63
N TRP D 164 10.10 -11.30 -28.97
CA TRP D 164 9.29 -12.25 -29.75
C TRP D 164 10.14 -13.21 -30.55
N ASN D 165 9.76 -14.51 -30.54
CA ASN D 165 10.47 -15.61 -31.23
C ASN D 165 11.95 -15.62 -30.79
N SER D 166 12.15 -15.64 -29.44
CA SER D 166 13.43 -15.59 -28.71
C SER D 166 14.32 -14.37 -29.00
N GLY D 167 13.85 -13.48 -29.88
CA GLY D 167 14.55 -12.27 -30.29
C GLY D 167 14.61 -12.10 -31.79
N ALA D 168 14.12 -13.13 -32.54
CA ALA D 168 14.11 -13.17 -34.00
C ALA D 168 13.21 -12.11 -34.60
N LEU D 169 11.96 -12.03 -34.10
CA LEU D 169 11.00 -11.02 -34.54
C LEU D 169 11.19 -9.73 -33.72
N THR D 170 11.61 -8.65 -34.40
CA THR D 170 11.87 -7.33 -33.81
C THR D 170 11.10 -6.23 -34.51
N SER D 171 10.96 -6.35 -35.84
CA SER D 171 10.26 -5.38 -36.67
C SER D 171 8.76 -5.50 -36.46
N GLY D 172 8.10 -4.37 -36.13
CA GLY D 172 6.66 -4.27 -35.88
C GLY D 172 6.25 -4.42 -34.43
N VAL D 173 7.19 -4.88 -33.57
CA VAL D 173 7.00 -5.10 -32.14
C VAL D 173 6.85 -3.79 -31.39
N HIS D 174 5.85 -3.75 -30.48
CA HIS D 174 5.55 -2.64 -29.58
C HIS D 174 5.31 -3.18 -28.17
N THR D 175 6.20 -2.86 -27.21
CA THR D 175 6.07 -3.27 -25.81
C THR D 175 5.77 -2.00 -25.04
N PHE D 176 4.53 -1.93 -24.53
CA PHE D 176 3.93 -0.79 -23.85
C PHE D 176 4.38 -0.53 -22.43
N PRO D 177 4.39 0.74 -21.95
CA PRO D 177 4.73 0.98 -20.55
C PRO D 177 3.79 0.22 -19.62
N ALA D 178 4.35 -0.34 -18.52
CA ALA D 178 3.58 -1.09 -17.53
C ALA D 178 2.55 -0.18 -16.90
N VAL D 179 1.41 -0.74 -16.50
CA VAL D 179 0.37 0.07 -15.87
C VAL D 179 0.09 -0.43 -14.47
N LEU D 180 0.14 0.45 -13.48
CA LEU D 180 -0.13 0.04 -12.14
C LEU D 180 -1.64 -0.02 -11.95
N GLN D 181 -2.14 -1.24 -11.69
CA GLN D 181 -3.56 -1.53 -11.48
C GLN D 181 -3.93 -1.17 -10.03
N SER D 182 -5.23 -0.87 -9.77
CA SER D 182 -5.76 -0.51 -8.43
C SER D 182 -5.54 -1.59 -7.32
N SER D 183 -4.89 -2.71 -7.67
CA SER D 183 -4.56 -3.83 -6.79
C SER D 183 -3.18 -3.67 -6.16
N GLY D 184 -2.29 -2.99 -6.86
CA GLY D 184 -0.91 -2.78 -6.46
C GLY D 184 0.03 -3.57 -7.35
N LEU D 185 -0.57 -4.31 -8.29
CA LEU D 185 0.06 -5.16 -9.30
C LEU D 185 0.14 -4.40 -10.62
N TYR D 186 1.15 -4.75 -11.45
CA TYR D 186 1.36 -4.16 -12.76
C TYR D 186 0.83 -5.04 -13.88
N SER D 187 0.63 -4.45 -15.04
CA SER D 187 0.10 -5.15 -16.21
C SER D 187 0.58 -4.44 -17.46
N LEU D 188 1.15 -5.20 -18.42
CA LEU D 188 1.61 -4.61 -19.67
C LEU D 188 1.30 -5.46 -20.84
N SER D 189 1.23 -4.84 -22.00
CA SER D 189 0.95 -5.55 -23.22
C SER D 189 2.11 -5.39 -24.16
N SER D 190 2.32 -6.41 -24.98
CA SER D 190 3.34 -6.43 -26.00
C SER D 190 2.68 -6.96 -27.26
N VAL D 191 2.73 -6.18 -28.34
CA VAL D 191 2.09 -6.55 -29.60
C VAL D 191 3.05 -6.48 -30.77
N VAL D 192 2.65 -7.09 -31.88
CA VAL D 192 3.41 -7.10 -33.13
C VAL D 192 2.45 -7.24 -34.32
N THR D 193 2.66 -6.40 -35.34
CA THR D 193 1.89 -6.40 -36.58
C THR D 193 2.54 -7.31 -37.59
N VAL D 194 1.78 -8.30 -38.08
CA VAL D 194 2.24 -9.29 -39.05
C VAL D 194 1.23 -9.43 -40.20
N PRO D 195 1.66 -9.79 -41.43
CA PRO D 195 0.68 -9.93 -42.52
C PRO D 195 -0.29 -11.10 -42.28
N SER D 196 -1.58 -10.88 -42.58
CA SER D 196 -2.70 -11.81 -42.44
C SER D 196 -2.43 -13.19 -43.08
N SER D 197 -1.69 -13.19 -44.20
CA SER D 197 -1.31 -14.37 -44.98
C SER D 197 -0.42 -15.32 -44.17
N SER D 198 0.68 -14.79 -43.62
CA SER D 198 1.68 -15.49 -42.82
C SER D 198 1.14 -16.03 -41.46
N LEU D 199 -0.18 -15.96 -41.22
CA LEU D 199 -0.80 -16.43 -39.97
C LEU D 199 -0.68 -17.94 -39.74
N GLY D 200 -1.43 -18.73 -40.53
CA GLY D 200 -1.48 -20.19 -40.44
C GLY D 200 -0.13 -20.89 -40.49
N THR D 201 0.74 -20.41 -41.38
CA THR D 201 2.09 -20.94 -41.61
C THR D 201 3.03 -20.65 -40.43
N GLN D 202 3.47 -19.38 -40.29
CA GLN D 202 4.41 -18.90 -39.27
C GLN D 202 3.94 -19.05 -37.82
N THR D 203 4.89 -19.34 -36.92
CA THR D 203 4.64 -19.51 -35.49
C THR D 203 5.17 -18.29 -34.72
N TYR D 204 4.34 -17.78 -33.77
CA TYR D 204 4.66 -16.59 -32.97
C TYR D 204 4.61 -16.88 -31.47
N ILE D 205 5.71 -16.57 -30.75
CA ILE D 205 5.82 -16.77 -29.30
C ILE D 205 6.49 -15.56 -28.62
N CYS D 206 5.88 -15.05 -27.52
CA CYS D 206 6.46 -13.95 -26.75
C CYS D 206 7.38 -14.52 -25.68
N ASN D 207 8.41 -13.76 -25.29
CA ASN D 207 9.39 -14.24 -24.31
C ASN D 207 9.44 -13.31 -23.07
N VAL D 208 8.56 -13.59 -22.11
CA VAL D 208 8.42 -12.79 -20.90
C VAL D 208 9.50 -13.10 -19.87
N ASN D 209 10.30 -12.09 -19.53
CA ASN D 209 11.41 -12.16 -18.58
C ASN D 209 11.15 -11.23 -17.39
N HIS D 210 10.92 -11.83 -16.21
CA HIS D 210 10.67 -11.10 -14.97
C HIS D 210 11.85 -11.41 -14.08
N LYS D 211 12.89 -10.56 -14.16
CA LYS D 211 14.12 -10.74 -13.38
C LYS D 211 13.92 -10.83 -11.84
N PRO D 212 13.12 -9.96 -11.16
CA PRO D 212 12.96 -10.10 -9.70
C PRO D 212 12.47 -11.48 -9.23
N SER D 213 11.34 -11.97 -9.78
CA SER D 213 10.74 -13.28 -9.46
C SER D 213 11.51 -14.44 -10.09
N ASN D 214 12.48 -14.14 -10.98
CA ASN D 214 13.32 -15.07 -11.76
C ASN D 214 12.46 -15.84 -12.79
N THR D 215 11.26 -15.29 -13.10
CA THR D 215 10.28 -15.86 -14.04
C THR D 215 10.67 -15.68 -15.51
N LYS D 216 10.51 -16.74 -16.29
CA LYS D 216 10.73 -16.77 -17.74
C LYS D 216 9.60 -17.59 -18.35
N VAL D 217 8.66 -16.91 -19.03
CA VAL D 217 7.46 -17.53 -19.63
C VAL D 217 7.44 -17.32 -21.14
N ASP D 218 7.02 -18.36 -21.87
CA ASP D 218 6.89 -18.36 -23.34
C ASP D 218 5.51 -18.85 -23.74
N LYS D 219 4.77 -18.03 -24.51
CA LYS D 219 3.43 -18.38 -24.93
C LYS D 219 3.19 -18.18 -26.41
N LYS D 220 2.59 -19.18 -27.04
CA LYS D 220 2.26 -19.14 -28.45
C LYS D 220 0.90 -18.49 -28.68
N VAL D 221 0.86 -17.58 -29.63
CA VAL D 221 -0.34 -16.85 -30.00
C VAL D 221 -0.86 -17.43 -31.31
N GLU D 222 -2.02 -18.10 -31.23
CA GLU D 222 -2.68 -18.74 -32.37
C GLU D 222 -4.15 -18.25 -32.45
N PRO D 223 -4.76 -18.13 -33.65
CA PRO D 223 -6.17 -17.71 -33.72
C PRO D 223 -7.12 -18.83 -33.26
N LYS D 224 -8.17 -18.48 -32.44
CA LYS D 224 -9.18 -19.40 -31.89
C LYS D 224 -8.51 -20.54 -31.08
#